data_5C9Z
#
_entry.id   5C9Z
#
_cell.length_a   102.810
_cell.length_b   137.780
_cell.length_c   178.910
_cell.angle_alpha   90.000
_cell.angle_beta   90.000
_cell.angle_gamma   90.000
#
_symmetry.space_group_name_H-M   'I 2 2 2'
#
loop_
_entity.id
_entity.type
_entity.pdbx_description
1 polymer 'Protein arginine N-methyltransferase 5'
2 polymer 'Methylosome protein 50'
3 non-polymer SINEFUNGIN
4 non-polymer 2-(cyclobutylamino)-N-[(2S)-3-(3,4-dihydroisoquinolin-2(1H)-yl)-2-hydroxypropyl]pyridine-4-carboxamide
5 non-polymer GLYCEROL
6 water water
#
loop_
_entity_poly.entity_id
_entity_poly.type
_entity_poly.pdbx_seq_one_letter_code
_entity_poly.pdbx_strand_id
1 'polypeptide(L)'
;MDYKDDDDKAAMAVGGAGGSRVSSGRDLNCVPEIADTLGAVAKQGFDFLCMPVFHPRFKREFIQEPAKNRPGPQTRSDLL
LSGRDWNTLIVGKLSPWIRPDSKVEKIRRNSEAAMLQELNFGAYLGLPAFLLPLNQEDNTNLARVLTNHIHTGHHSSMFW
MRVPLVAPEDLRDDIIENAPTTHTEEYSGEEKTWMWWHNFRTLCDYSKRIAVALEIGADLPSNHVIDRWLGEPIKAAILP
TSIFLTNKKGFPVLSKMHQRLIFRLLKLEVQFIITGTNHHSEKEFCSYLQYLEYLSQNRPPPNAYELFAKGYEDYLQSPL
QPLMDNLESQTYEVFEKDPIKYSQYQQAIYKCLLDRVPEEEKDTNVQVLMVLGAGRGPLVNASLRAAKQADRRIKLYAVE
KNPNAVVTLENWQFEEWGSQVTVVSSDMREWVAPEKADIIVSELLGSFADNELSPECLDGAQHFLKDDGVSIPGEYTSFL
APISSSKLYNEVRACREKDRDPEAQFEMPYVVRLHNFHQLSAPQPCFTFSHPNRDPMIDNNRYCTLEFPVEVNTVLHGFA
GYFETVLYQDITLSIRPETHSPGMFSWFPILFPIKQPITVREGQTICVRFWRCSNSKKVWYEWAVTAPVCSAIHNPTGRS
YTIGL
;
A
2 'polypeptide(L)'
;MHHHHHHHHRKETPPPLVPPAAREWNLPPNAPACMERQLEAARYRSDGALLLGASSLSGRCWAGSLWLFKDPCAAPNEGF
CSAGVQTEAGVADLTWVGERGILVASDSGAVELWELDENETLIVSKFCKYEHDDIVSTVSVLSSGTQAVSGSKDICIKVW
DLAQQVVLSSYRAHAAQVTCVAASPHKDSVFLSCSEDNRILLWDTRCPKPASQIGCSAPGYLPTSLAWHPQQSEVFVFGD
ENGTVSLVDTKSTSCVLSSAVHSQCVTGLVFSPHSVPFLASLSEDCSLAVLDSSLSELFRSQAHRDFVRDATWSPLNHSL
LTTVGWDHQVVHHVVPTEPLPAPGPASVTE
;
B
#
loop_
_chem_comp.id
_chem_comp.type
_chem_comp.name
_chem_comp.formula
4Z2 non-polymer 2-(cyclobutylamino)-N-[(2S)-3-(3,4-dihydroisoquinolin-2(1H)-yl)-2-hydroxypropyl]pyridine-4-carboxamide 'C22 H28 N4 O2'
GOL non-polymer GLYCEROL 'C3 H8 O3'
SFG non-polymer SINEFUNGIN 'C15 H23 N7 O5'
#
# COMPACT_ATOMS: atom_id res chain seq x y z
N ARG A 21 2.31 4.19 -20.67
CA ARG A 21 1.77 5.29 -19.82
C ARG A 21 1.45 4.80 -18.41
N VAL A 22 1.71 5.66 -17.43
CA VAL A 22 1.47 5.34 -16.03
C VAL A 22 0.11 5.87 -15.59
N SER A 23 -0.50 5.20 -14.62
CA SER A 23 -1.71 5.70 -13.98
C SER A 23 -1.33 6.26 -12.62
N SER A 24 -1.62 7.54 -12.42
CA SER A 24 -1.16 8.25 -11.23
C SER A 24 -2.19 9.20 -10.64
N GLY A 25 -2.05 9.49 -9.35
CA GLY A 25 -2.97 10.37 -8.65
C GLY A 25 -2.24 11.35 -7.75
N ARG A 26 -2.95 12.40 -7.35
CA ARG A 26 -2.41 13.41 -6.44
C ARG A 26 -3.00 13.21 -5.04
N ASP A 27 -2.14 13.18 -4.03
CA ASP A 27 -2.61 13.15 -2.64
C ASP A 27 -2.66 14.56 -2.09
N LEU A 28 -3.79 14.92 -1.50
CA LEU A 28 -3.95 16.24 -0.90
C LEU A 28 -4.68 16.11 0.43
N ASN A 29 -4.34 16.99 1.36
CA ASN A 29 -5.01 17.05 2.65
C ASN A 29 -5.68 18.40 2.86
N CYS A 30 -5.75 19.19 1.79
CA CYS A 30 -6.35 20.52 1.81
C CYS A 30 -7.12 20.79 0.51
N VAL A 31 -8.44 20.89 0.61
CA VAL A 31 -9.29 21.17 -0.55
C VAL A 31 -10.33 22.26 -0.22
N PRO A 32 -10.00 23.54 -0.53
CA PRO A 32 -10.92 24.65 -0.29
C PRO A 32 -12.17 24.58 -1.17
N GLU A 33 -11.97 24.27 -2.45
CA GLU A 33 -13.07 24.17 -3.41
C GLU A 33 -12.86 22.94 -4.29
N ILE A 34 -13.76 21.97 -4.16
CA ILE A 34 -13.64 20.68 -4.86
C ILE A 34 -13.66 20.81 -6.39
N ALA A 35 -14.41 21.79 -6.90
CA ALA A 35 -14.52 22.04 -8.33
C ALA A 35 -13.21 22.55 -8.92
N ASP A 36 -12.62 23.54 -8.25
CA ASP A 36 -11.36 24.14 -8.70
C ASP A 36 -10.18 23.19 -8.53
N THR A 37 -10.13 22.52 -7.37
CA THR A 37 -9.03 21.61 -7.05
C THR A 37 -8.92 20.48 -8.06
N LEU A 38 -10.04 19.82 -8.36
CA LEU A 38 -10.07 18.71 -9.30
C LEU A 38 -9.62 19.15 -10.70
N GLY A 39 -10.02 20.36 -11.08
CA GLY A 39 -9.63 20.94 -12.37
C GLY A 39 -8.13 21.13 -12.49
N ALA A 40 -7.53 21.71 -11.44
CA ALA A 40 -6.09 21.96 -11.40
C ALA A 40 -5.26 20.67 -11.49
N VAL A 41 -5.63 19.66 -10.71
CA VAL A 41 -4.92 18.38 -10.70
C VAL A 41 -5.10 17.62 -12.02
N ALA A 42 -6.26 17.81 -12.65
CA ALA A 42 -6.54 17.20 -13.95
C ALA A 42 -5.70 17.85 -15.06
N LYS A 43 -5.62 19.18 -15.03
CA LYS A 43 -4.80 19.93 -15.98
C LYS A 43 -3.31 19.59 -15.83
N GLN A 44 -2.92 19.27 -14.60
CA GLN A 44 -1.55 18.82 -14.30
C GLN A 44 -1.26 17.41 -14.83
N GLY A 45 -2.31 16.67 -15.15
CA GLY A 45 -2.18 15.36 -15.78
C GLY A 45 -2.48 14.15 -14.93
N PHE A 46 -2.94 14.36 -13.70
CA PHE A 46 -3.28 13.26 -12.80
C PHE A 46 -4.58 12.56 -13.22
N ASP A 47 -4.62 11.24 -13.07
CA ASP A 47 -5.83 10.46 -13.37
C ASP A 47 -6.88 10.53 -12.26
N PHE A 48 -6.42 10.72 -11.03
CA PHE A 48 -7.33 10.77 -9.87
C PHE A 48 -6.78 11.59 -8.71
N LEU A 49 -7.62 11.79 -7.70
CA LEU A 49 -7.28 12.61 -6.54
C LEU A 49 -7.58 11.89 -5.23
N CYS A 50 -6.63 11.97 -4.29
CA CYS A 50 -6.84 11.49 -2.93
C CYS A 50 -7.09 12.68 -2.01
N MET A 51 -8.30 12.76 -1.48
CA MET A 51 -8.73 13.90 -0.69
C MET A 51 -9.62 13.46 0.47
N PRO A 52 -9.77 14.33 1.49
CA PRO A 52 -10.69 14.01 2.59
C PRO A 52 -12.14 14.14 2.15
N VAL A 53 -13.03 13.42 2.81
CA VAL A 53 -14.46 13.49 2.51
C VAL A 53 -15.17 14.35 3.55
N PHE A 54 -14.50 14.51 4.69
CA PHE A 54 -14.86 15.48 5.72
C PHE A 54 -13.60 16.31 5.95
N HIS A 55 -13.74 17.49 6.53
CA HIS A 55 -12.56 18.33 6.81
C HIS A 55 -11.67 17.63 7.85
N PRO A 56 -10.37 17.47 7.53
CA PRO A 56 -9.42 16.76 8.39
C PRO A 56 -9.44 17.23 9.85
N ARG A 57 -9.66 18.53 10.06
CA ARG A 57 -9.64 19.13 11.39
C ARG A 57 -11.00 19.17 12.07
N PHE A 58 -12.05 18.75 11.35
CA PHE A 58 -13.41 18.87 11.84
C PHE A 58 -13.80 17.72 12.78
N LYS A 59 -13.17 17.66 13.95
CA LYS A 59 -13.45 16.63 14.94
C LYS A 59 -14.91 16.67 15.37
N ARG A 60 -15.60 15.54 15.22
CA ARG A 60 -17.02 15.45 15.57
C ARG A 60 -17.23 14.63 16.84
N GLU A 61 -18.24 15.01 17.62
CA GLU A 61 -18.61 14.34 18.87
C GLU A 61 -19.92 13.58 18.68
N PHE A 62 -20.02 12.39 19.26
CA PHE A 62 -21.15 11.50 19.01
C PHE A 62 -21.96 11.12 20.24
N ILE A 63 -21.42 11.40 21.42
CA ILE A 63 -22.01 10.88 22.67
C ILE A 63 -22.51 11.95 23.64
N GLN A 64 -21.62 12.85 24.09
CA GLN A 64 -22.01 13.82 25.11
C GLN A 64 -22.38 15.21 24.58
N GLU A 65 -23.40 15.79 25.19
CA GLU A 65 -23.88 17.13 24.86
C GLU A 65 -22.96 18.18 25.47
N PRO A 66 -22.88 19.38 24.85
CA PRO A 66 -23.67 19.86 23.71
C PRO A 66 -23.05 19.65 22.32
N ALA A 67 -21.76 19.34 22.26
CA ALA A 67 -21.04 19.17 20.99
C ALA A 67 -21.67 18.12 20.08
N LYS A 68 -22.30 17.13 20.70
CA LYS A 68 -23.08 16.09 20.04
C LYS A 68 -24.14 16.69 19.10
N ASN A 69 -24.81 17.75 19.56
CA ASN A 69 -25.89 18.38 18.80
C ASN A 69 -25.43 19.56 17.92
N ARG A 70 -24.20 19.47 17.41
CA ARG A 70 -23.67 20.52 16.54
C ARG A 70 -24.49 20.65 15.25
N PRO A 71 -25.10 21.82 15.03
CA PRO A 71 -25.82 22.09 13.78
C PRO A 71 -25.02 21.66 12.56
N GLY A 72 -25.71 21.02 11.61
CA GLY A 72 -25.10 20.59 10.35
C GLY A 72 -24.88 21.76 9.41
N PRO A 73 -24.42 21.51 8.17
CA PRO A 73 -24.09 20.21 7.56
C PRO A 73 -22.77 19.62 8.05
N GLN A 74 -22.70 18.30 8.13
CA GLN A 74 -21.52 17.58 8.61
C GLN A 74 -20.34 17.65 7.64
N THR A 75 -20.63 17.72 6.34
CA THR A 75 -19.61 17.86 5.30
C THR A 75 -20.23 18.52 4.07
N ARG A 76 -19.48 18.62 2.97
CA ARG A 76 -20.04 19.17 1.74
C ARG A 76 -20.85 18.15 0.93
N SER A 77 -21.53 18.66 -0.11
CA SER A 77 -22.59 17.93 -0.80
C SER A 77 -22.08 17.06 -1.95
N ASP A 78 -22.75 15.92 -2.13
CA ASP A 78 -22.51 15.01 -3.26
C ASP A 78 -22.80 15.67 -4.60
N LEU A 79 -23.73 16.62 -4.60
CA LEU A 79 -24.16 17.32 -5.81
C LEU A 79 -23.04 18.11 -6.49
N LEU A 80 -21.98 18.37 -5.73
CA LEU A 80 -20.83 19.14 -6.23
C LEU A 80 -20.04 18.42 -7.33
N LEU A 81 -20.18 17.10 -7.40
CA LEU A 81 -19.60 16.32 -8.49
C LEU A 81 -20.63 15.42 -9.16
N SER A 82 -20.40 15.10 -10.44
CA SER A 82 -21.21 14.12 -11.16
C SER A 82 -20.95 12.71 -10.62
N GLY A 83 -21.94 11.85 -10.74
CA GLY A 83 -21.83 10.45 -10.32
C GLY A 83 -20.61 9.76 -10.90
N ARG A 84 -20.36 10.01 -12.19
CA ARG A 84 -19.19 9.50 -12.89
C ARG A 84 -17.91 9.90 -12.17
N ASP A 85 -17.82 11.18 -11.79
CA ASP A 85 -16.61 11.72 -11.15
C ASP A 85 -16.31 11.10 -9.80
N TRP A 86 -17.35 10.91 -8.98
CA TRP A 86 -17.20 10.24 -7.69
C TRP A 86 -16.71 8.80 -7.89
N ASN A 87 -17.26 8.12 -8.90
CA ASN A 87 -16.95 6.73 -9.19
C ASN A 87 -15.55 6.48 -9.74
N THR A 88 -14.98 7.48 -10.43
CA THR A 88 -13.72 7.27 -11.16
C THR A 88 -12.55 8.17 -10.76
N LEU A 89 -12.84 9.34 -10.19
CA LEU A 89 -11.79 10.33 -9.96
C LEU A 89 -11.39 10.57 -8.50
N ILE A 90 -12.23 10.13 -7.56
CA ILE A 90 -12.02 10.45 -6.15
C ILE A 90 -11.66 9.23 -5.31
N VAL A 91 -10.55 9.33 -4.59
CA VAL A 91 -10.19 8.36 -3.56
C VAL A 91 -10.34 9.06 -2.20
N GLY A 92 -11.14 8.46 -1.33
CA GLY A 92 -11.39 9.03 0.00
C GLY A 92 -10.24 8.81 0.97
N LYS A 93 -10.17 9.67 1.99
CA LYS A 93 -9.19 9.54 3.06
C LYS A 93 -9.87 9.55 4.42
N LEU A 94 -9.48 8.64 5.30
CA LEU A 94 -9.95 8.67 6.69
C LEU A 94 -9.40 9.93 7.37
N SER A 95 -10.17 10.50 8.28
CA SER A 95 -9.73 11.71 8.99
C SER A 95 -8.60 11.39 9.96
N PRO A 96 -7.53 12.21 9.95
CA PRO A 96 -6.30 11.89 10.67
C PRO A 96 -6.49 11.82 12.18
N TRP A 97 -7.58 12.39 12.68
CA TRP A 97 -7.88 12.39 14.11
C TRP A 97 -8.56 11.11 14.58
N ILE A 98 -9.00 10.28 13.62
CA ILE A 98 -9.72 9.05 13.94
C ILE A 98 -8.75 7.99 14.45
N ARG A 99 -8.83 7.69 15.73
CA ARG A 99 -7.93 6.75 16.38
C ARG A 99 -8.72 5.69 17.15
N PRO A 100 -9.11 4.61 16.44
CA PRO A 100 -9.95 3.56 17.02
C PRO A 100 -9.22 2.73 18.07
N ASP A 101 -7.90 2.77 18.05
CA ASP A 101 -7.08 2.01 18.98
C ASP A 101 -6.40 2.87 20.04
N SER A 102 -6.93 4.07 20.24
CA SER A 102 -6.51 4.96 21.33
C SER A 102 -6.68 4.30 22.68
N LYS A 103 -5.86 4.73 23.65
CA LYS A 103 -5.93 4.22 25.01
C LYS A 103 -7.07 4.89 25.80
N VAL A 104 -7.59 5.98 25.24
CA VAL A 104 -8.69 6.73 25.85
C VAL A 104 -10.02 6.22 25.33
N GLU A 105 -10.85 5.70 26.24
CA GLU A 105 -12.15 5.12 25.90
C GLU A 105 -13.07 6.06 25.11
N LYS A 106 -13.17 7.31 25.56
CA LYS A 106 -14.01 8.31 24.90
C LYS A 106 -13.58 8.57 23.45
N ILE A 107 -12.26 8.63 23.24
CA ILE A 107 -11.70 8.82 21.91
C ILE A 107 -11.89 7.56 21.06
N ARG A 108 -11.82 6.40 21.72
CA ARG A 108 -12.04 5.12 21.08
C ARG A 108 -13.46 5.08 20.49
N ARG A 109 -14.45 5.33 21.34
CA ARG A 109 -15.87 5.36 20.94
C ARG A 109 -16.17 6.33 19.79
N ASN A 110 -15.74 7.58 19.91
CA ASN A 110 -15.99 8.58 18.89
C ASN A 110 -15.36 8.23 17.55
N SER A 111 -14.16 7.66 17.61
CA SER A 111 -13.43 7.27 16.41
C SER A 111 -14.09 6.08 15.72
N GLU A 112 -14.59 5.13 16.50
CA GLU A 112 -15.38 4.02 15.99
C GLU A 112 -16.54 4.55 15.14
N ALA A 113 -17.35 5.43 15.72
CA ALA A 113 -18.50 6.02 15.05
C ALA A 113 -18.11 6.94 13.88
N ALA A 114 -17.03 7.69 14.03
CA ALA A 114 -16.56 8.61 12.98
C ALA A 114 -16.03 7.85 11.77
N MET A 115 -15.34 6.74 12.02
CA MET A 115 -14.83 5.86 10.97
C MET A 115 -15.98 5.27 10.16
N LEU A 116 -16.98 4.72 10.86
CA LEU A 116 -18.18 4.20 10.20
C LEU A 116 -18.86 5.27 9.37
N GLN A 117 -18.97 6.47 9.95
CA GLN A 117 -19.60 7.59 9.28
C GLN A 117 -18.88 7.93 7.99
N GLU A 118 -17.54 8.02 8.04
CA GLU A 118 -16.75 8.38 6.87
C GLU A 118 -16.76 7.26 5.85
N LEU A 119 -16.68 6.02 6.32
CA LEU A 119 -16.78 4.85 5.45
C LEU A 119 -18.14 4.75 4.75
N ASN A 120 -19.23 4.85 5.54
CA ASN A 120 -20.58 4.88 4.98
C ASN A 120 -20.72 5.99 3.93
N PHE A 121 -20.12 7.15 4.20
CA PHE A 121 -20.19 8.27 3.25
C PHE A 121 -19.47 7.95 1.95
N GLY A 122 -18.34 7.24 2.04
CA GLY A 122 -17.61 6.81 0.85
C GLY A 122 -18.42 5.82 0.02
N ALA A 123 -19.06 4.87 0.71
CA ALA A 123 -19.96 3.90 0.07
C ALA A 123 -21.17 4.61 -0.54
N TYR A 124 -21.72 5.56 0.20
CA TYR A 124 -22.83 6.39 -0.27
C TYR A 124 -22.47 7.11 -1.58
N LEU A 125 -21.25 7.61 -1.66
CA LEU A 125 -20.77 8.34 -2.83
C LEU A 125 -20.38 7.42 -3.97
N GLY A 126 -20.18 6.14 -3.65
CA GLY A 126 -19.72 5.16 -4.63
C GLY A 126 -18.25 5.33 -4.99
N LEU A 127 -17.44 5.67 -3.99
CA LEU A 127 -16.00 5.85 -4.21
C LEU A 127 -15.34 4.51 -4.55
N PRO A 128 -14.44 4.51 -5.55
CA PRO A 128 -13.75 3.29 -5.99
C PRO A 128 -12.69 2.82 -5.01
N ALA A 129 -12.17 3.73 -4.20
CA ALA A 129 -11.17 3.40 -3.18
C ALA A 129 -11.22 4.38 -2.01
N PHE A 130 -10.65 3.96 -0.89
CA PHE A 130 -10.67 4.72 0.35
C PHE A 130 -9.40 4.37 1.12
N LEU A 131 -8.66 5.40 1.54
CA LEU A 131 -7.36 5.23 2.19
C LEU A 131 -7.44 5.25 3.70
N LEU A 132 -6.83 4.25 4.33
CA LEU A 132 -6.73 4.19 5.80
C LEU A 132 -5.29 3.86 6.20
N PRO A 133 -4.74 4.61 7.18
CA PRO A 133 -3.34 4.43 7.56
C PRO A 133 -3.06 3.27 8.52
N LEU A 134 -1.91 2.64 8.34
CA LEU A 134 -1.31 1.80 9.37
C LEU A 134 -0.02 2.50 9.82
N ASN A 135 -0.11 3.21 10.94
CA ASN A 135 0.99 4.03 11.42
C ASN A 135 1.43 3.65 12.84
N GLN A 136 1.01 2.47 13.29
CA GLN A 136 1.42 1.92 14.58
C GLN A 136 1.26 0.40 14.60
N GLU A 137 1.73 -0.24 15.67
CA GLU A 137 1.66 -1.69 15.82
C GLU A 137 0.22 -2.19 16.03
N ASP A 138 -0.45 -1.64 17.03
CA ASP A 138 -1.79 -2.10 17.36
C ASP A 138 -2.86 -1.40 16.52
N ASN A 139 -3.45 -2.15 15.60
CA ASN A 139 -4.54 -1.67 14.77
C ASN A 139 -5.74 -2.60 14.84
N THR A 140 -5.83 -3.34 15.95
CA THR A 140 -6.84 -4.36 16.15
C THR A 140 -8.27 -3.81 16.00
N ASN A 141 -8.58 -2.73 16.70
CA ASN A 141 -9.92 -2.17 16.65
C ASN A 141 -10.25 -1.54 15.30
N LEU A 142 -9.27 -0.90 14.67
CA LEU A 142 -9.41 -0.39 13.31
C LEU A 142 -9.81 -1.53 12.37
N ALA A 143 -9.12 -2.66 12.51
CA ALA A 143 -9.42 -3.87 11.75
C ALA A 143 -10.84 -4.36 11.99
N ARG A 144 -11.26 -4.37 13.26
CA ARG A 144 -12.60 -4.85 13.62
C ARG A 144 -13.69 -4.00 12.99
N VAL A 145 -13.57 -2.69 13.13
CA VAL A 145 -14.55 -1.76 12.57
C VAL A 145 -14.62 -1.87 11.05
N LEU A 146 -13.47 -2.00 10.38
CA LEU A 146 -13.44 -2.17 8.93
C LEU A 146 -14.06 -3.51 8.49
N THR A 147 -13.68 -4.59 9.18
CA THR A 147 -14.26 -5.91 8.92
C THR A 147 -15.78 -5.81 9.05
N ASN A 148 -16.24 -5.17 10.11
CA ASN A 148 -17.68 -4.98 10.36
C ASN A 148 -18.38 -4.22 9.23
N HIS A 149 -17.72 -3.17 8.72
CA HIS A 149 -18.23 -2.38 7.60
C HIS A 149 -18.27 -3.16 6.29
N ILE A 150 -17.25 -3.98 6.05
CA ILE A 150 -17.18 -4.81 4.85
C ILE A 150 -18.40 -5.75 4.80
N HIS A 151 -18.79 -6.28 5.95
CA HIS A 151 -19.90 -7.22 6.06
C HIS A 151 -21.23 -6.55 6.42
N THR A 152 -21.38 -5.28 6.02
CA THR A 152 -22.59 -4.52 6.26
C THR A 152 -23.02 -3.81 4.97
N GLY A 153 -24.13 -4.27 4.40
CA GLY A 153 -24.65 -3.70 3.16
C GLY A 153 -24.00 -4.28 1.93
N HIS A 154 -24.12 -3.56 0.81
CA HIS A 154 -23.59 -4.04 -0.47
C HIS A 154 -22.84 -2.93 -1.22
N HIS A 155 -21.51 -3.06 -1.23
CA HIS A 155 -20.62 -2.06 -1.82
C HIS A 155 -19.32 -2.74 -2.29
N SER A 156 -18.65 -2.14 -3.27
CA SER A 156 -17.45 -2.75 -3.87
C SER A 156 -16.21 -1.86 -3.86
N SER A 157 -16.18 -0.89 -2.94
CA SER A 157 -15.03 -0.02 -2.75
C SER A 157 -13.78 -0.80 -2.33
N MET A 158 -12.63 -0.45 -2.89
CA MET A 158 -11.34 -0.96 -2.44
C MET A 158 -10.86 -0.17 -1.23
N PHE A 159 -10.32 -0.86 -0.23
CA PHE A 159 -9.69 -0.20 0.91
C PHE A 159 -8.17 -0.29 0.84
N TRP A 160 -7.54 0.84 0.54
CA TRP A 160 -6.08 0.91 0.49
C TRP A 160 -5.51 1.24 1.85
N MET A 161 -4.63 0.39 2.34
CA MET A 161 -3.93 0.64 3.60
C MET A 161 -2.61 1.38 3.35
N ARG A 162 -2.55 2.60 3.87
CA ARG A 162 -1.35 3.42 3.77
C ARG A 162 -0.35 2.94 4.80
N VAL A 163 0.72 2.32 4.32
CA VAL A 163 1.75 1.74 5.18
C VAL A 163 3.13 2.04 4.59
N PRO A 164 4.07 2.50 5.43
CA PRO A 164 5.38 2.89 4.91
C PRO A 164 6.40 1.75 4.87
N LEU A 165 7.35 1.84 3.94
CA LEU A 165 8.49 0.94 3.94
C LEU A 165 9.24 0.99 5.27
N VAL A 166 9.45 2.20 5.78
CA VAL A 166 10.13 2.41 7.06
C VAL A 166 9.21 3.16 8.02
N ALA A 167 9.04 2.61 9.22
CA ALA A 167 8.24 3.24 10.28
C ALA A 167 8.76 4.64 10.59
N PRO A 168 7.86 5.56 10.95
CA PRO A 168 8.27 6.93 11.27
C PRO A 168 9.29 7.01 12.42
N GLU A 169 9.14 6.14 13.42
CA GLU A 169 10.06 6.07 14.56
C GLU A 169 11.49 5.67 14.17
N ASP A 170 11.62 4.89 13.10
CA ASP A 170 12.92 4.43 12.61
C ASP A 170 13.50 5.34 11.53
N LEU A 171 12.81 6.45 11.26
CA LEU A 171 13.25 7.44 10.26
C LEU A 171 13.61 8.79 10.87
N ARG A 172 13.27 8.98 12.15
CA ARG A 172 13.47 10.27 12.82
C ARG A 172 14.95 10.66 12.91
N ASP A 173 15.21 11.96 12.76
CA ASP A 173 16.56 12.52 12.91
C ASP A 173 17.09 12.20 14.30
N ASP A 174 18.36 11.79 14.36
CA ASP A 174 19.03 11.48 15.62
C ASP A 174 19.38 12.76 16.36
N ILE A 175 18.35 13.42 16.89
CA ILE A 175 18.52 14.76 17.49
C ILE A 175 17.88 14.90 18.89
N ILE A 176 17.53 13.77 19.50
CA ILE A 176 17.08 13.79 20.89
C ILE A 176 18.23 13.34 21.80
N GLU A 177 18.81 14.31 22.50
CA GLU A 177 19.95 14.08 23.39
C GLU A 177 19.81 12.83 24.27
N ASN A 178 18.72 12.75 25.02
CA ASN A 178 18.51 11.67 25.99
C ASN A 178 17.80 10.43 25.44
N ALA A 179 17.53 10.44 24.14
CA ALA A 179 16.94 9.28 23.46
C ALA A 179 17.57 9.08 22.09
N PRO A 180 18.74 8.41 22.06
CA PRO A 180 19.42 8.20 20.78
C PRO A 180 18.72 7.12 19.95
N THR A 181 18.89 7.19 18.64
CA THR A 181 18.34 6.19 17.74
C THR A 181 19.19 4.93 17.83
N THR A 182 18.63 3.87 18.42
CA THR A 182 19.37 2.62 18.71
C THR A 182 20.17 2.15 17.49
N HIS A 183 21.47 2.40 17.53
CA HIS A 183 22.37 2.24 16.38
C HIS A 183 22.58 0.78 15.96
N THR A 184 22.44 -0.14 16.92
CA THR A 184 22.59 -1.57 16.66
C THR A 184 21.50 -2.05 15.69
N GLU A 185 21.94 -2.61 14.56
CA GLU A 185 21.03 -3.06 13.50
C GLU A 185 20.13 -4.22 13.93
N GLU A 186 18.92 -4.25 13.39
CA GLU A 186 17.97 -5.32 13.66
C GLU A 186 17.31 -5.79 12.37
N TYR A 187 17.51 -7.06 12.04
CA TYR A 187 16.95 -7.67 10.83
C TYR A 187 15.42 -7.70 10.90
N SER A 188 14.90 -8.17 12.03
CA SER A 188 13.45 -8.25 12.26
C SER A 188 12.84 -6.89 12.55
N GLY A 189 13.55 -6.07 13.32
CA GLY A 189 13.10 -4.72 13.69
C GLY A 189 12.80 -3.83 12.50
N GLU A 190 13.63 -3.93 11.46
CA GLU A 190 13.43 -3.14 10.23
C GLU A 190 12.31 -3.70 9.36
N GLU A 191 11.78 -4.86 9.75
CA GLU A 191 10.65 -5.48 9.05
C GLU A 191 9.32 -5.28 9.78
N LYS A 192 9.33 -4.48 10.85
CA LYS A 192 8.15 -4.32 11.70
C LYS A 192 6.91 -3.85 10.95
N THR A 193 7.15 -3.05 9.90
CA THR A 193 6.09 -2.42 9.10
C THR A 193 5.28 -3.45 8.31
N TRP A 194 5.94 -4.52 7.88
CA TRP A 194 5.26 -5.62 7.21
C TRP A 194 4.38 -6.40 8.18
N MET A 195 4.86 -6.55 9.42
N MET A 195 4.86 -6.56 9.43
CA MET A 195 4.09 -7.23 10.47
CA MET A 195 4.10 -7.21 10.49
C MET A 195 2.86 -6.42 10.89
C MET A 195 2.85 -6.42 10.88
N TRP A 196 2.90 -5.10 10.68
CA TRP A 196 1.74 -4.23 10.92
C TRP A 196 0.64 -4.58 9.93
N TRP A 197 1.04 -4.71 8.67
CA TRP A 197 0.15 -5.04 7.59
C TRP A 197 -0.31 -6.50 7.67
N HIS A 198 0.63 -7.41 7.90
CA HIS A 198 0.31 -8.83 7.99
C HIS A 198 -0.74 -9.10 9.06
N ASN A 199 -0.55 -8.54 10.25
CA ASN A 199 -1.50 -8.72 11.35
C ASN A 199 -2.87 -8.16 11.01
N PHE A 200 -2.89 -7.02 10.32
CA PHE A 200 -4.13 -6.36 9.96
C PHE A 200 -4.97 -7.22 9.01
N ARG A 201 -4.36 -7.69 7.93
CA ARG A 201 -5.06 -8.46 6.91
C ARG A 201 -5.38 -9.89 7.38
N THR A 202 -4.71 -10.34 8.44
CA THR A 202 -5.02 -11.63 9.04
C THR A 202 -6.29 -11.51 9.88
N LEU A 203 -6.40 -10.41 10.62
CA LEU A 203 -7.56 -10.14 11.46
C LEU A 203 -8.81 -9.96 10.61
N CYS A 204 -8.63 -9.32 9.46
CA CYS A 204 -9.69 -9.05 8.48
C CYS A 204 -9.94 -10.26 7.58
N ASP A 205 -9.26 -11.37 7.91
CA ASP A 205 -9.41 -12.66 7.23
C ASP A 205 -9.22 -12.58 5.73
N TYR A 206 -8.12 -11.94 5.32
CA TYR A 206 -7.72 -11.82 3.93
C TYR A 206 -8.83 -11.33 3.00
N SER A 207 -9.66 -10.39 3.47
CA SER A 207 -10.69 -9.81 2.61
C SER A 207 -10.07 -9.35 1.31
N LYS A 208 -10.67 -9.74 0.18
CA LYS A 208 -10.17 -9.38 -1.14
C LYS A 208 -10.28 -7.87 -1.37
N ARG A 209 -10.93 -7.17 -0.44
CA ARG A 209 -11.19 -5.74 -0.57
C ARG A 209 -10.11 -4.86 0.08
N ILE A 210 -9.15 -5.49 0.75
CA ILE A 210 -8.11 -4.75 1.46
C ILE A 210 -6.76 -4.93 0.78
N ALA A 211 -6.25 -3.84 0.21
CA ALA A 211 -4.98 -3.83 -0.49
C ALA A 211 -3.97 -2.91 0.18
N VAL A 212 -2.79 -2.78 -0.43
CA VAL A 212 -1.70 -2.00 0.15
C VAL A 212 -1.40 -0.72 -0.66
N ALA A 213 -1.27 0.38 0.05
CA ALA A 213 -0.73 1.62 -0.50
C ALA A 213 0.61 1.85 0.18
N LEU A 214 1.66 1.38 -0.46
CA LEU A 214 3.00 1.40 0.10
C LEU A 214 3.64 2.78 -0.02
N GLU A 215 4.01 3.37 1.12
CA GLU A 215 4.70 4.66 1.14
C GLU A 215 6.21 4.51 1.01
N ILE A 216 6.77 5.09 -0.05
CA ILE A 216 8.22 5.07 -0.29
C ILE A 216 8.90 6.23 0.43
N GLY A 217 10.06 5.96 1.02
CA GLY A 217 10.82 6.98 1.76
C GLY A 217 12.09 7.42 1.07
N ALA A 218 12.73 8.46 1.62
CA ALA A 218 14.00 8.96 1.10
C ALA A 218 15.09 7.93 1.29
N ASP A 219 15.18 7.39 2.51
CA ASP A 219 16.04 6.26 2.78
C ASP A 219 15.26 4.97 2.53
N LEU A 220 15.53 4.33 1.39
CA LEU A 220 15.03 3.00 1.14
C LEU A 220 15.67 2.10 2.18
N PRO A 221 14.86 1.22 2.82
CA PRO A 221 15.42 0.33 3.83
C PRO A 221 16.37 -0.67 3.20
N SER A 222 16.97 -1.52 4.03
CA SER A 222 17.78 -2.64 3.53
C SER A 222 16.96 -3.46 2.54
N ASN A 223 17.65 -4.07 1.59
CA ASN A 223 17.01 -4.72 0.45
C ASN A 223 15.98 -5.80 0.77
N HIS A 224 16.25 -6.55 1.84
N HIS A 224 16.32 -6.72 1.68
CA HIS A 224 15.33 -7.58 2.35
CA HIS A 224 15.70 -8.06 1.63
C HIS A 224 13.96 -7.05 2.77
C HIS A 224 14.18 -8.13 1.79
N VAL A 225 13.93 -6.07 3.66
N VAL A 225 13.57 -6.99 2.06
CA VAL A 225 12.66 -5.52 4.10
CA VAL A 225 12.13 -6.92 2.28
C VAL A 225 11.86 -4.90 2.95
C VAL A 225 11.33 -6.68 1.01
N ILE A 226 12.51 -4.69 1.81
N ILE A 226 11.90 -5.95 0.05
CA ILE A 226 11.78 -4.31 0.60
CA ILE A 226 11.18 -5.60 -1.17
C ILE A 226 11.19 -5.58 -0.01
C ILE A 226 10.58 -6.83 -1.87
N ASP A 227 12.00 -6.63 -0.11
N ASP A 227 11.42 -7.81 -2.16
CA ASP A 227 11.55 -7.93 -0.57
CA ASP A 227 10.94 -9.07 -2.74
C ASP A 227 10.23 -8.32 0.10
C ASP A 227 9.61 -9.46 -2.11
N ARG A 228 10.13 -8.03 1.40
N ARG A 228 9.60 -9.55 -0.78
CA ARG A 228 8.97 -8.41 2.20
CA ARG A 228 8.42 -9.96 -0.04
C ARG A 228 7.62 -8.15 1.52
C ARG A 228 7.23 -9.04 -0.32
N TRP A 229 7.56 -7.10 0.72
N TRP A 229 7.43 -7.74 -0.17
CA TRP A 229 6.30 -6.72 0.08
CA TRP A 229 6.38 -6.77 -0.43
C TRP A 229 6.12 -7.40 -1.26
C TRP A 229 5.68 -7.02 -1.77
N LEU A 230 7.10 -8.22 -1.64
N LEU A 230 6.47 -7.27 -2.81
CA LEU A 230 6.96 -9.09 -2.80
CA LEU A 230 5.93 -7.43 -4.16
C LEU A 230 5.87 -10.10 -2.53
C LEU A 230 5.26 -8.78 -4.39
N GLY A 231 4.84 -10.09 -3.37
N GLY A 231 4.85 -9.44 -3.31
CA GLY A 231 3.75 -11.04 -3.22
CA GLY A 231 4.00 -10.62 -3.39
C GLY A 231 2.61 -10.57 -2.34
C GLY A 231 2.64 -10.29 -2.80
N GLU A 232 2.65 -9.31 -1.90
CA GLU A 232 1.49 -8.73 -1.23
C GLU A 232 0.64 -7.92 -2.21
N PRO A 233 -0.66 -7.74 -1.90
CA PRO A 233 -1.58 -7.02 -2.80
C PRO A 233 -1.34 -5.51 -2.85
N ILE A 234 -0.30 -5.09 -3.55
CA ILE A 234 0.02 -3.67 -3.70
C ILE A 234 -0.77 -3.10 -4.86
N LYS A 235 -1.61 -2.11 -4.56
CA LYS A 235 -2.41 -1.44 -5.59
C LYS A 235 -1.88 -0.04 -5.89
N ALA A 236 -1.24 0.57 -4.89
CA ALA A 236 -0.68 1.90 -5.06
C ALA A 236 0.68 2.04 -4.38
N ALA A 237 1.50 2.94 -4.93
CA ALA A 237 2.77 3.32 -4.34
C ALA A 237 2.83 4.83 -4.16
N ILE A 238 3.00 5.27 -2.91
CA ILE A 238 2.96 6.69 -2.56
C ILE A 238 4.38 7.26 -2.54
N LEU A 239 4.61 8.27 -3.37
CA LEU A 239 5.90 8.94 -3.47
C LEU A 239 5.81 10.37 -2.99
N PRO A 240 6.38 10.67 -1.80
CA PRO A 240 6.44 12.06 -1.34
C PRO A 240 7.41 12.87 -2.19
N THR A 241 7.06 14.12 -2.45
CA THR A 241 7.91 15.03 -3.25
C THR A 241 9.30 15.19 -2.65
N SER A 242 9.40 15.06 -1.33
CA SER A 242 10.64 15.22 -0.58
C SER A 242 11.73 14.18 -0.90
N ILE A 243 11.37 13.07 -1.53
CA ILE A 243 12.34 12.03 -1.88
C ILE A 243 13.00 12.28 -3.25
N PHE A 244 12.46 13.23 -4.00
CA PHE A 244 12.98 13.56 -5.32
C PHE A 244 14.25 14.40 -5.24
N LEU A 245 15.31 13.88 -5.85
CA LEU A 245 16.55 14.64 -6.02
C LEU A 245 16.34 15.65 -7.15
N THR A 246 17.24 16.62 -7.24
CA THR A 246 17.16 17.62 -8.31
C THR A 246 18.45 17.63 -9.14
N ASN A 247 18.29 17.59 -10.47
CA ASN A 247 19.42 17.49 -11.38
C ASN A 247 20.08 18.83 -11.73
N LYS A 248 20.94 18.81 -12.75
CA LYS A 248 21.70 19.99 -13.18
C LYS A 248 20.83 21.13 -13.71
N LYS A 249 19.63 20.80 -14.20
CA LYS A 249 18.71 21.78 -14.75
C LYS A 249 17.53 22.12 -13.83
N GLY A 250 17.61 21.67 -12.58
CA GLY A 250 16.61 21.98 -11.56
C GLY A 250 15.29 21.24 -11.68
N PHE A 251 15.35 20.02 -12.23
CA PHE A 251 14.18 19.18 -12.42
C PHE A 251 14.16 18.01 -11.43
N PRO A 252 12.97 17.58 -10.98
CA PRO A 252 12.90 16.45 -10.06
C PRO A 252 13.24 15.11 -10.73
N VAL A 253 14.20 14.40 -10.15
CA VAL A 253 14.59 13.06 -10.59
C VAL A 253 14.68 12.14 -9.37
N LEU A 254 15.00 10.86 -9.59
CA LEU A 254 15.14 9.91 -8.49
C LEU A 254 16.51 9.24 -8.48
N SER A 255 16.91 8.74 -7.31
CA SER A 255 18.16 7.99 -7.17
C SER A 255 18.11 6.69 -7.99
N LYS A 256 19.28 6.13 -8.29
CA LYS A 256 19.37 4.89 -9.06
C LYS A 256 18.64 3.73 -8.38
N MET A 257 18.74 3.64 -7.06
CA MET A 257 18.07 2.58 -6.30
C MET A 257 16.56 2.82 -6.16
N HIS A 258 16.14 4.09 -6.25
CA HIS A 258 14.73 4.44 -6.29
C HIS A 258 14.11 4.08 -7.63
N GLN A 259 14.87 4.27 -8.70
CA GLN A 259 14.44 3.88 -10.05
C GLN A 259 14.24 2.37 -10.12
N ARG A 260 15.13 1.63 -9.47
CA ARG A 260 15.03 0.17 -9.40
C ARG A 260 13.68 -0.28 -8.85
N LEU A 261 13.28 0.32 -7.73
CA LEU A 261 12.00 0.00 -7.09
C LEU A 261 10.82 0.38 -7.98
N ILE A 262 10.92 1.54 -8.63
CA ILE A 262 9.88 2.02 -9.53
C ILE A 262 9.64 1.02 -10.68
N PHE A 263 10.73 0.55 -11.29
CA PHE A 263 10.64 -0.42 -12.38
C PHE A 263 10.06 -1.76 -11.92
N ARG A 264 10.39 -2.18 -10.71
CA ARG A 264 9.80 -3.38 -10.12
C ARG A 264 8.30 -3.20 -9.91
N LEU A 265 7.92 -1.99 -9.48
CA LEU A 265 6.50 -1.65 -9.27
C LEU A 265 5.72 -1.50 -10.58
N LEU A 266 6.39 -1.00 -11.61
CA LEU A 266 5.78 -0.90 -12.94
C LEU A 266 5.49 -2.27 -13.53
N LYS A 267 6.45 -3.19 -13.37
CA LYS A 267 6.29 -4.58 -13.81
C LYS A 267 5.11 -5.26 -13.12
N LEU A 268 4.92 -4.93 -11.85
CA LEU A 268 3.80 -5.44 -11.07
C LEU A 268 2.50 -4.73 -11.44
N GLU A 269 2.63 -3.56 -12.06
CA GLU A 269 1.50 -2.69 -12.40
C GLU A 269 0.77 -2.23 -11.15
N VAL A 270 1.10 -1.02 -10.72
CA VAL A 270 0.46 -0.37 -9.58
C VAL A 270 0.15 1.07 -9.99
N GLN A 271 -0.62 1.76 -9.18
CA GLN A 271 -0.87 3.18 -9.39
C GLN A 271 0.03 4.03 -8.49
N PHE A 272 0.52 5.13 -9.02
CA PHE A 272 1.44 5.98 -8.29
C PHE A 272 0.74 7.21 -7.75
N ILE A 273 1.12 7.61 -6.53
CA ILE A 273 0.48 8.72 -5.84
C ILE A 273 1.54 9.70 -5.34
N ILE A 274 1.50 10.91 -5.88
CA ILE A 274 2.39 11.99 -5.47
C ILE A 274 1.77 12.73 -4.29
N THR A 275 2.49 12.79 -3.18
CA THR A 275 2.06 13.50 -1.98
C THR A 275 3.07 14.59 -1.58
N GLY A 276 2.64 15.54 -0.77
CA GLY A 276 3.48 16.65 -0.34
C GLY A 276 3.47 17.84 -1.29
N THR A 277 3.91 19.01 -0.80
CA THR A 277 3.95 20.23 -1.61
C THR A 277 5.07 20.20 -2.66
N ASN A 278 4.92 21.05 -3.67
CA ASN A 278 5.95 21.22 -4.70
C ASN A 278 7.20 21.87 -4.11
N HIS A 279 8.25 21.05 -3.94
CA HIS A 279 9.49 21.54 -3.33
C HIS A 279 10.48 22.15 -4.34
N HIS A 280 10.12 22.09 -5.62
CA HIS A 280 10.88 22.75 -6.67
C HIS A 280 10.01 23.83 -7.33
N SER A 281 10.10 25.04 -6.78
CA SER A 281 9.24 26.15 -7.18
C SER A 281 9.64 26.79 -8.51
N GLU A 282 10.78 26.39 -9.05
CA GLU A 282 11.27 26.90 -10.33
C GLU A 282 10.44 26.42 -11.52
N LYS A 283 9.86 25.23 -11.40
CA LYS A 283 8.99 24.67 -12.44
C LYS A 283 7.64 24.18 -11.93
N GLU A 284 6.79 23.72 -12.84
CA GLU A 284 5.43 23.28 -12.58
C GLU A 284 5.36 21.97 -11.76
N PHE A 285 4.14 21.50 -11.51
CA PHE A 285 3.90 20.29 -10.74
C PHE A 285 3.92 19.03 -11.60
N CYS A 286 3.55 19.18 -12.87
CA CYS A 286 3.51 18.06 -13.82
C CYS A 286 4.89 17.47 -14.11
N SER A 287 5.94 18.13 -13.61
CA SER A 287 7.33 17.71 -13.81
C SER A 287 7.68 16.43 -13.05
N TYR A 288 7.19 16.32 -11.81
CA TYR A 288 7.30 15.08 -11.03
C TYR A 288 6.69 13.91 -11.82
N LEU A 289 5.54 14.18 -12.43
CA LEU A 289 4.80 13.19 -13.20
C LEU A 289 5.47 12.92 -14.54
N GLN A 290 6.03 13.96 -15.15
CA GLN A 290 6.78 13.84 -16.40
C GLN A 290 7.90 12.82 -16.26
N TYR A 291 8.53 12.82 -15.09
CA TYR A 291 9.63 11.91 -14.79
C TYR A 291 9.17 10.45 -14.71
N LEU A 292 8.03 10.22 -14.05
CA LEU A 292 7.45 8.87 -13.95
C LEU A 292 7.07 8.33 -15.33
N GLU A 293 6.49 9.20 -16.15
CA GLU A 293 6.15 8.87 -17.53
C GLU A 293 7.43 8.54 -18.32
N TYR A 294 8.48 9.32 -18.06
CA TYR A 294 9.81 9.11 -18.66
C TYR A 294 10.37 7.74 -18.28
N LEU A 295 10.28 7.41 -16.98
CA LEU A 295 10.73 6.11 -16.47
C LEU A 295 9.94 4.93 -17.04
N SER A 296 8.63 5.11 -17.18
CA SER A 296 7.75 4.07 -17.74
C SER A 296 7.99 3.86 -19.24
N GLN A 297 8.28 4.96 -19.93
CA GLN A 297 8.59 4.91 -21.36
C GLN A 297 9.96 4.29 -21.61
N ASN A 298 10.79 4.27 -20.56
CA ASN A 298 12.17 3.77 -20.65
C ASN A 298 12.39 2.33 -20.15
N ARG A 299 11.31 1.60 -19.94
CA ARG A 299 11.41 0.18 -19.59
C ARG A 299 11.73 -0.62 -20.85
N PRO A 300 12.34 -1.81 -20.70
CA PRO A 300 12.46 -2.68 -21.87
C PRO A 300 11.09 -3.12 -22.36
N PRO A 301 10.86 -3.13 -23.69
CA PRO A 301 9.58 -3.55 -24.27
C PRO A 301 9.32 -5.03 -24.02
N PRO A 302 8.04 -5.47 -24.11
CA PRO A 302 7.70 -6.88 -23.86
C PRO A 302 8.41 -7.84 -24.82
N ASN A 303 8.95 -8.93 -24.28
CA ASN A 303 9.53 -9.98 -25.12
C ASN A 303 8.43 -10.80 -25.81
N ALA A 304 8.84 -11.79 -26.61
CA ALA A 304 7.89 -12.63 -27.34
C ALA A 304 6.91 -13.35 -26.39
N TYR A 305 7.44 -13.80 -25.26
CA TYR A 305 6.67 -14.45 -24.20
C TYR A 305 5.60 -13.52 -23.61
N GLU A 306 6.04 -12.31 -23.21
CA GLU A 306 5.16 -11.35 -22.53
C GLU A 306 4.07 -10.77 -23.43
N LEU A 307 4.25 -10.87 -24.75
CA LEU A 307 3.23 -10.42 -25.69
C LEU A 307 2.05 -11.40 -25.75
N PHE A 308 2.36 -12.69 -25.66
CA PHE A 308 1.33 -13.74 -25.67
C PHE A 308 0.71 -14.01 -24.29
N ALA A 309 1.48 -13.77 -23.23
CA ALA A 309 1.02 -14.03 -21.87
C ALA A 309 0.48 -12.77 -21.19
N LYS A 310 0.35 -11.70 -21.96
CA LYS A 310 0.12 -10.35 -21.44
C LYS A 310 -1.07 -10.18 -20.49
N GLY A 311 -2.15 -10.94 -20.71
CA GLY A 311 -3.36 -10.79 -19.89
C GLY A 311 -3.67 -11.95 -18.97
N TYR A 312 -2.68 -12.80 -18.69
CA TYR A 312 -2.90 -14.02 -17.92
C TYR A 312 -2.42 -13.97 -16.47
N GLU A 313 -1.87 -12.82 -16.06
CA GLU A 313 -1.26 -12.66 -14.75
C GLU A 313 -2.16 -13.12 -13.62
N ASP A 314 -1.65 -14.05 -12.81
CA ASP A 314 -2.35 -14.58 -11.64
C ASP A 314 -3.78 -15.07 -11.89
N TYR A 315 -4.04 -15.53 -13.10
CA TYR A 315 -5.33 -16.10 -13.47
C TYR A 315 -5.27 -17.62 -13.33
N LEU A 316 -5.99 -18.15 -12.34
CA LEU A 316 -5.99 -19.59 -12.07
C LEU A 316 -6.85 -20.34 -13.07
N GLN A 317 -6.29 -21.42 -13.61
CA GLN A 317 -7.01 -22.27 -14.54
C GLN A 317 -7.14 -23.67 -13.97
N SER A 318 -8.36 -24.21 -14.03
CA SER A 318 -8.64 -25.56 -13.54
C SER A 318 -7.88 -26.60 -14.35
N PRO A 319 -7.38 -27.66 -13.69
CA PRO A 319 -6.61 -28.73 -14.33
C PRO A 319 -7.38 -29.41 -15.46
N LEU A 320 -6.72 -29.55 -16.61
CA LEU A 320 -7.29 -30.22 -17.79
C LEU A 320 -7.32 -31.73 -17.60
N GLN A 321 -8.36 -32.36 -18.14
CA GLN A 321 -8.42 -33.82 -18.22
C GLN A 321 -8.01 -34.22 -19.64
N PRO A 322 -6.75 -34.65 -19.82
CA PRO A 322 -6.19 -34.89 -21.15
C PRO A 322 -6.79 -36.10 -21.87
N LEU A 323 -7.22 -37.10 -21.11
CA LEU A 323 -7.72 -38.35 -21.68
C LEU A 323 -9.25 -38.41 -21.72
N MET A 324 -9.89 -37.88 -20.69
CA MET A 324 -11.35 -37.89 -20.58
C MET A 324 -12.02 -36.85 -21.47
N ASP A 325 -11.31 -35.75 -21.77
CA ASP A 325 -11.87 -34.66 -22.58
C ASP A 325 -11.08 -34.46 -23.87
N ASN A 326 -11.69 -33.76 -24.82
CA ASN A 326 -11.04 -33.46 -26.08
C ASN A 326 -10.80 -31.96 -26.22
N LEU A 327 -9.61 -31.62 -26.72
CA LEU A 327 -9.20 -30.23 -26.86
C LEU A 327 -9.97 -29.54 -27.99
N GLU A 328 -10.31 -28.27 -27.77
CA GLU A 328 -11.05 -27.48 -28.75
C GLU A 328 -10.15 -27.01 -29.88
N SER A 329 -10.72 -26.84 -31.06
CA SER A 329 -9.99 -26.37 -32.24
C SER A 329 -9.17 -25.12 -31.96
N GLN A 330 -9.76 -24.17 -31.22
CA GLN A 330 -9.11 -22.90 -30.92
C GLN A 330 -7.94 -23.05 -29.93
N THR A 331 -7.97 -24.13 -29.14
CA THR A 331 -6.89 -24.47 -28.23
C THR A 331 -5.64 -24.91 -29.02
N TYR A 332 -5.81 -25.91 -29.88
CA TYR A 332 -4.77 -26.33 -30.82
C TYR A 332 -4.23 -25.13 -31.58
N GLU A 333 -5.13 -24.26 -32.05
CA GLU A 333 -4.76 -23.10 -32.86
C GLU A 333 -3.75 -22.19 -32.17
N VAL A 334 -3.97 -21.88 -30.89
CA VAL A 334 -3.12 -20.95 -30.15
C VAL A 334 -1.72 -21.52 -29.93
N PHE A 335 -1.64 -22.74 -29.42
CA PHE A 335 -0.36 -23.37 -29.10
C PHE A 335 0.49 -23.67 -30.32
N GLU A 336 -0.16 -23.94 -31.45
CA GLU A 336 0.54 -24.17 -32.72
C GLU A 336 1.37 -22.96 -33.17
N LYS A 337 1.17 -21.83 -32.49
CA LYS A 337 1.89 -20.59 -32.81
C LYS A 337 3.19 -20.42 -32.00
N ASP A 338 3.51 -21.42 -31.18
CA ASP A 338 4.72 -21.38 -30.34
C ASP A 338 5.99 -21.30 -31.20
N PRO A 339 6.82 -20.28 -30.95
CA PRO A 339 7.94 -19.99 -31.84
C PRO A 339 9.15 -20.92 -31.67
N ILE A 340 9.10 -21.80 -30.67
CA ILE A 340 10.28 -22.59 -30.29
C ILE A 340 9.98 -24.09 -30.11
N LYS A 341 8.82 -24.42 -29.56
CA LYS A 341 8.50 -25.83 -29.24
C LYS A 341 8.63 -26.76 -30.44
N TYR A 342 8.16 -26.32 -31.61
CA TYR A 342 8.13 -27.19 -32.79
C TYR A 342 9.48 -27.29 -33.50
N SER A 343 10.20 -26.18 -33.58
CA SER A 343 11.54 -26.17 -34.18
C SER A 343 12.53 -26.98 -33.33
N GLN A 344 12.36 -26.92 -32.01
CA GLN A 344 13.10 -27.78 -31.08
C GLN A 344 12.79 -29.25 -31.33
N TYR A 345 11.54 -29.56 -31.61
CA TYR A 345 11.15 -30.94 -31.95
C TYR A 345 11.74 -31.38 -33.29
N GLN A 346 11.72 -30.47 -34.27
CA GLN A 346 12.31 -30.73 -35.58
C GLN A 346 13.78 -31.08 -35.46
N GLN A 347 14.51 -30.30 -34.66
CA GLN A 347 15.93 -30.52 -34.45
C GLN A 347 16.22 -31.84 -33.73
N ALA A 348 15.35 -32.22 -32.80
CA ALA A 348 15.50 -33.49 -32.07
C ALA A 348 15.32 -34.70 -32.99
N ILE A 349 14.41 -34.58 -33.95
CA ILE A 349 14.19 -35.63 -34.94
C ILE A 349 15.30 -35.59 -35.98
N TYR A 350 15.75 -34.37 -36.31
CA TYR A 350 16.87 -34.15 -37.23
C TYR A 350 18.16 -34.85 -36.75
N LYS A 351 18.49 -34.67 -35.48
CA LYS A 351 19.67 -35.29 -34.89
C LYS A 351 19.55 -36.80 -34.75
N CYS A 352 18.34 -37.28 -34.47
CA CYS A 352 18.11 -38.72 -34.27
C CYS A 352 18.18 -39.52 -35.56
N LEU A 353 17.73 -38.92 -36.67
CA LEU A 353 17.77 -39.60 -37.96
C LEU A 353 19.21 -39.84 -38.41
N LEU A 354 20.04 -38.81 -38.31
CA LEU A 354 21.46 -38.91 -38.65
C LEU A 354 22.19 -39.97 -37.83
N ASP A 355 21.88 -40.03 -36.53
CA ASP A 355 22.51 -40.98 -35.62
C ASP A 355 22.10 -42.43 -35.89
N ARG A 356 20.90 -42.62 -36.42
CA ARG A 356 20.34 -43.96 -36.62
C ARG A 356 20.66 -44.57 -37.99
N VAL A 357 20.75 -43.73 -39.01
CA VAL A 357 21.05 -44.21 -40.37
C VAL A 357 22.25 -43.49 -41.00
N PRO A 358 23.37 -44.23 -41.16
CA PRO A 358 24.62 -43.70 -41.71
C PRO A 358 24.52 -43.30 -43.17
N GLU A 359 25.44 -42.45 -43.62
CA GLU A 359 25.43 -41.86 -44.96
C GLU A 359 25.26 -42.87 -46.10
N GLU A 360 25.97 -43.99 -46.03
CA GLU A 360 25.91 -45.03 -47.07
C GLU A 360 24.54 -45.72 -47.17
N GLU A 361 23.66 -45.41 -46.22
CA GLU A 361 22.32 -46.02 -46.17
C GLU A 361 21.18 -45.04 -46.46
N LYS A 362 21.53 -43.82 -46.88
CA LYS A 362 20.54 -42.73 -46.99
C LYS A 362 19.37 -42.96 -47.96
N ASP A 363 19.53 -43.94 -48.86
CA ASP A 363 18.47 -44.29 -49.80
C ASP A 363 17.86 -45.67 -49.54
N THR A 364 18.57 -46.51 -48.77
CA THR A 364 18.13 -47.88 -48.51
C THR A 364 17.33 -48.06 -47.21
N ASN A 365 17.67 -47.31 -46.18
CA ASN A 365 17.00 -47.42 -44.90
C ASN A 365 15.92 -46.35 -44.70
N VAL A 366 14.67 -46.81 -44.67
CA VAL A 366 13.52 -45.95 -44.44
C VAL A 366 13.05 -46.10 -42.98
N GLN A 367 13.19 -45.02 -42.22
CA GLN A 367 12.87 -45.03 -40.79
C GLN A 367 11.36 -44.93 -40.53
N VAL A 368 10.85 -45.79 -39.66
CA VAL A 368 9.44 -45.74 -39.28
C VAL A 368 9.22 -44.85 -38.05
N LEU A 369 8.56 -43.72 -38.29
CA LEU A 369 8.29 -42.70 -37.28
C LEU A 369 6.82 -42.64 -36.89
N MET A 370 6.55 -42.68 -35.59
CA MET A 370 5.18 -42.61 -35.08
C MET A 370 4.94 -41.40 -34.18
N VAL A 371 4.05 -40.52 -34.60
CA VAL A 371 3.64 -39.37 -33.80
C VAL A 371 2.46 -39.76 -32.94
N LEU A 372 2.71 -39.93 -31.64
CA LEU A 372 1.68 -40.37 -30.70
C LEU A 372 1.03 -39.17 -30.01
N GLY A 373 -0.19 -38.87 -30.43
CA GLY A 373 -0.87 -37.65 -30.03
C GLY A 373 -0.59 -36.54 -31.04
N ALA A 374 -1.00 -36.77 -32.28
CA ALA A 374 -0.62 -35.92 -33.42
C ALA A 374 -1.35 -34.59 -33.53
N GLY A 375 -2.43 -34.42 -32.76
CA GLY A 375 -3.22 -33.19 -32.77
C GLY A 375 -3.68 -32.81 -34.17
N ARG A 376 -3.48 -31.54 -34.55
CA ARG A 376 -3.80 -31.09 -35.89
C ARG A 376 -2.62 -31.25 -36.86
N GLY A 377 -1.60 -31.99 -36.43
CA GLY A 377 -0.49 -32.41 -37.29
C GLY A 377 0.82 -31.61 -37.38
N PRO A 378 1.09 -30.71 -36.40
CA PRO A 378 2.30 -29.89 -36.58
C PRO A 378 3.59 -30.68 -36.37
N LEU A 379 3.56 -31.67 -35.48
CA LEU A 379 4.71 -32.56 -35.27
C LEU A 379 4.93 -33.50 -36.46
N VAL A 380 3.86 -33.80 -37.18
CA VAL A 380 3.95 -34.60 -38.41
C VAL A 380 4.69 -33.79 -39.47
N ASN A 381 4.31 -32.52 -39.65
CA ASN A 381 5.04 -31.61 -40.52
C ASN A 381 6.48 -31.41 -40.08
N ALA A 382 6.69 -31.36 -38.77
CA ALA A 382 8.03 -31.19 -38.20
C ALA A 382 8.90 -32.40 -38.51
N SER A 383 8.29 -33.59 -38.49
CA SER A 383 8.98 -34.83 -38.87
C SER A 383 9.35 -34.84 -40.35
N LEU A 384 8.47 -34.30 -41.18
CA LEU A 384 8.73 -34.20 -42.62
C LEU A 384 9.83 -33.19 -42.92
N ARG A 385 9.80 -32.06 -42.21
CA ARG A 385 10.83 -31.04 -42.35
C ARG A 385 12.19 -31.54 -41.87
N ALA A 386 12.18 -32.41 -40.86
CA ALA A 386 13.41 -32.97 -40.28
C ALA A 386 14.08 -33.96 -41.23
N ALA A 387 13.28 -34.82 -41.85
CA ALA A 387 13.78 -35.86 -42.76
C ALA A 387 14.38 -35.26 -44.04
N LYS A 388 13.72 -34.26 -44.60
CA LYS A 388 14.24 -33.56 -45.79
C LYS A 388 15.35 -32.56 -45.45
N GLN A 389 15.68 -32.43 -44.17
CA GLN A 389 16.80 -31.62 -43.73
C GLN A 389 18.02 -32.51 -43.46
N ALA A 390 17.73 -33.75 -43.04
CA ALA A 390 18.77 -34.74 -42.78
C ALA A 390 19.05 -35.59 -44.02
N ASP A 391 18.32 -35.30 -45.10
CA ASP A 391 18.33 -36.09 -46.32
C ASP A 391 18.18 -37.60 -46.03
N ARG A 392 17.16 -37.94 -45.26
CA ARG A 392 16.83 -39.33 -44.94
C ARG A 392 15.35 -39.60 -45.20
N ARG A 393 14.99 -40.87 -45.35
CA ARG A 393 13.62 -41.24 -45.73
C ARG A 393 12.86 -41.90 -44.58
N ILE A 394 11.62 -41.44 -44.39
CA ILE A 394 10.79 -41.89 -43.26
C ILE A 394 9.39 -42.35 -43.66
N LYS A 395 8.81 -43.22 -42.84
CA LYS A 395 7.41 -43.62 -42.95
C LYS A 395 6.68 -43.17 -41.68
N LEU A 396 5.64 -42.36 -41.86
CA LEU A 396 4.94 -41.72 -40.75
C LEU A 396 3.59 -42.32 -40.38
N TYR A 397 3.40 -42.61 -39.10
CA TYR A 397 2.08 -42.85 -38.53
C TYR A 397 1.68 -41.66 -37.69
N ALA A 398 0.41 -41.26 -37.78
CA ALA A 398 -0.11 -40.13 -37.00
C ALA A 398 -1.31 -40.54 -36.13
N VAL A 399 -1.01 -41.00 -34.92
CA VAL A 399 -2.03 -41.47 -33.98
C VAL A 399 -2.61 -40.33 -33.13
N GLU A 400 -3.94 -40.25 -33.08
CA GLU A 400 -4.64 -39.22 -32.31
C GLU A 400 -5.96 -39.76 -31.81
N LYS A 401 -6.23 -39.57 -30.51
CA LYS A 401 -7.45 -40.10 -29.87
C LYS A 401 -8.64 -39.14 -29.98
N ASN A 402 -8.37 -37.87 -30.23
CA ASN A 402 -9.40 -36.85 -30.39
C ASN A 402 -9.99 -36.91 -31.80
N PRO A 403 -11.15 -37.56 -31.97
CA PRO A 403 -11.76 -37.78 -33.29
C PRO A 403 -11.99 -36.48 -34.07
N ASN A 404 -12.15 -35.37 -33.36
CA ASN A 404 -12.37 -34.08 -33.98
C ASN A 404 -11.10 -33.53 -34.63
N ALA A 405 -9.95 -33.82 -34.03
CA ALA A 405 -8.65 -33.44 -34.58
C ALA A 405 -8.30 -34.36 -35.73
N VAL A 406 -8.60 -35.65 -35.55
CA VAL A 406 -8.48 -36.66 -36.60
C VAL A 406 -9.07 -36.16 -37.92
N VAL A 407 -10.16 -35.40 -37.83
CA VAL A 407 -10.77 -34.76 -39.00
C VAL A 407 -9.74 -33.89 -39.74
N THR A 408 -9.09 -32.98 -39.00
CA THR A 408 -8.07 -32.10 -39.57
C THR A 408 -6.92 -32.90 -40.18
N LEU A 409 -6.53 -33.98 -39.50
CA LEU A 409 -5.43 -34.83 -39.92
C LEU A 409 -5.70 -35.51 -41.26
N GLU A 410 -6.90 -36.06 -41.41
CA GLU A 410 -7.28 -36.79 -42.61
C GLU A 410 -7.53 -35.89 -43.82
N ASN A 411 -7.98 -34.66 -43.57
CA ASN A 411 -8.05 -33.64 -44.63
C ASN A 411 -6.65 -33.21 -45.07
N TRP A 412 -5.72 -33.13 -44.13
CA TRP A 412 -4.32 -32.84 -44.44
C TRP A 412 -3.66 -33.94 -45.28
N GLN A 413 -3.86 -35.20 -44.87
CA GLN A 413 -3.21 -36.32 -45.54
C GLN A 413 -3.75 -36.59 -46.94
N PHE A 414 -4.99 -36.18 -47.20
CA PHE A 414 -5.58 -36.30 -48.52
C PHE A 414 -5.13 -35.17 -49.43
N GLU A 415 -5.15 -33.95 -48.91
CA GLU A 415 -4.83 -32.76 -49.71
C GLU A 415 -3.33 -32.56 -49.91
N GLU A 416 -2.52 -33.04 -48.96
CA GLU A 416 -1.08 -32.71 -48.94
C GLU A 416 -0.13 -33.91 -48.70
N TRP A 417 -0.24 -34.54 -47.53
CA TRP A 417 0.78 -35.51 -47.11
C TRP A 417 0.92 -36.72 -48.02
N GLY A 418 -0.20 -37.30 -48.44
CA GLY A 418 -0.18 -38.52 -49.24
C GLY A 418 0.03 -39.76 -48.40
N SER A 419 0.37 -40.87 -49.06
CA SER A 419 0.49 -42.17 -48.39
C SER A 419 1.70 -42.31 -47.47
N GLN A 420 2.58 -41.30 -47.48
CA GLN A 420 3.72 -41.28 -46.57
C GLN A 420 3.25 -41.24 -45.11
N VAL A 421 2.13 -40.55 -44.86
CA VAL A 421 1.52 -40.48 -43.53
C VAL A 421 0.28 -41.38 -43.46
N THR A 422 0.27 -42.26 -42.45
CA THR A 422 -0.89 -43.08 -42.15
C THR A 422 -1.56 -42.55 -40.87
N VAL A 423 -2.76 -41.98 -41.03
CA VAL A 423 -3.51 -41.44 -39.90
C VAL A 423 -4.25 -42.56 -39.17
N VAL A 424 -4.06 -42.61 -37.85
CA VAL A 424 -4.75 -43.59 -37.01
C VAL A 424 -5.59 -42.87 -35.97
N SER A 425 -6.90 -43.14 -36.01
CA SER A 425 -7.85 -42.55 -35.08
C SER A 425 -8.10 -43.50 -33.92
N SER A 426 -7.21 -43.48 -32.92
CA SER A 426 -7.41 -44.26 -31.71
C SER A 426 -6.52 -43.76 -30.55
N ASP A 427 -6.71 -44.38 -29.39
CA ASP A 427 -5.83 -44.18 -28.24
C ASP A 427 -4.57 -45.02 -28.44
N MET A 428 -3.41 -44.43 -28.12
CA MET A 428 -2.14 -45.12 -28.24
C MET A 428 -1.98 -46.34 -27.34
N ARG A 429 -2.70 -46.36 -26.21
CA ARG A 429 -2.68 -47.52 -25.31
C ARG A 429 -3.45 -48.71 -25.89
N GLU A 430 -4.27 -48.44 -26.90
CA GLU A 430 -5.14 -49.45 -27.50
C GLU A 430 -4.67 -49.91 -28.88
N TRP A 431 -4.19 -48.96 -29.69
CA TRP A 431 -3.79 -49.20 -31.07
C TRP A 431 -2.93 -50.43 -31.26
N VAL A 432 -3.45 -51.40 -32.03
CA VAL A 432 -2.68 -52.56 -32.45
C VAL A 432 -1.88 -52.15 -33.68
N ALA A 433 -0.57 -51.98 -33.50
CA ALA A 433 0.30 -51.48 -34.56
C ALA A 433 0.65 -52.57 -35.57
N PRO A 434 0.59 -52.22 -36.88
CA PRO A 434 0.93 -53.17 -37.96
C PRO A 434 2.43 -53.54 -37.98
N GLU A 435 3.27 -52.60 -37.57
CA GLU A 435 4.72 -52.80 -37.52
C GLU A 435 5.33 -52.02 -36.36
N LYS A 436 6.54 -52.38 -35.95
CA LYS A 436 7.23 -51.70 -34.84
C LYS A 436 7.92 -50.42 -35.30
N ALA A 437 8.13 -49.50 -34.35
CA ALA A 437 8.64 -48.17 -34.68
C ALA A 437 10.12 -47.99 -34.39
N ASP A 438 10.77 -47.21 -35.26
CA ASP A 438 12.15 -46.77 -35.06
C ASP A 438 12.19 -45.65 -34.03
N ILE A 439 11.29 -44.68 -34.20
CA ILE A 439 11.19 -43.53 -33.30
C ILE A 439 9.73 -43.21 -33.02
N ILE A 440 9.39 -43.10 -31.73
CA ILE A 440 8.10 -42.56 -31.32
C ILE A 440 8.27 -41.12 -30.84
N VAL A 441 7.48 -40.23 -31.43
CA VAL A 441 7.49 -38.81 -31.08
C VAL A 441 6.19 -38.45 -30.37
N SER A 442 6.28 -37.72 -29.26
CA SER A 442 5.10 -37.32 -28.48
C SER A 442 5.28 -36.04 -27.69
N GLU A 443 4.23 -35.24 -27.65
CA GLU A 443 4.16 -34.07 -26.77
C GLU A 443 2.94 -34.20 -25.85
N LEU A 444 3.09 -34.97 -24.78
CA LEU A 444 2.00 -35.23 -23.84
C LEU A 444 2.26 -34.61 -22.47
N LEU A 445 2.94 -33.46 -22.46
CA LEU A 445 3.46 -32.89 -21.22
C LEU A 445 2.63 -31.75 -20.67
N GLY A 446 2.37 -31.81 -19.36
CA GLY A 446 1.75 -30.72 -18.63
C GLY A 446 2.79 -29.90 -17.89
N SER A 447 2.33 -28.91 -17.12
CA SER A 447 3.21 -27.93 -16.51
C SER A 447 4.13 -28.51 -15.43
N PHE A 448 3.70 -29.64 -14.86
CA PHE A 448 4.46 -30.37 -13.85
C PHE A 448 5.02 -31.65 -14.49
N ALA A 449 5.33 -31.53 -15.79
CA ALA A 449 5.83 -32.62 -16.63
C ALA A 449 4.86 -33.77 -16.83
N ASP A 450 4.64 -34.55 -15.77
CA ASP A 450 3.92 -35.81 -15.88
C ASP A 450 2.42 -35.72 -15.50
N ASN A 451 1.88 -34.51 -15.47
CA ASN A 451 0.50 -34.28 -15.02
C ASN A 451 -0.58 -34.38 -16.10
N GLU A 452 -0.18 -34.80 -17.31
CA GLU A 452 -1.14 -35.15 -18.36
C GLU A 452 -0.95 -36.62 -18.71
N LEU A 453 -0.36 -37.35 -17.76
CA LEU A 453 -0.22 -38.80 -17.82
C LEU A 453 0.63 -39.33 -18.99
N SER A 454 1.61 -38.53 -19.41
CA SER A 454 2.59 -38.95 -20.42
C SER A 454 3.31 -40.26 -20.06
N PRO A 455 3.67 -40.46 -18.77
CA PRO A 455 4.22 -41.77 -18.42
C PRO A 455 3.31 -42.93 -18.81
N GLU A 456 2.07 -42.91 -18.34
CA GLU A 456 1.11 -44.01 -18.55
C GLU A 456 0.81 -44.26 -20.02
N CYS A 457 0.75 -43.17 -20.80
CA CYS A 457 0.44 -43.25 -22.23
C CYS A 457 1.57 -43.93 -22.99
N LEU A 458 2.79 -43.44 -22.81
CA LEU A 458 3.95 -44.01 -23.50
C LEU A 458 4.28 -45.43 -23.00
N ASP A 459 3.86 -45.74 -21.78
CA ASP A 459 4.04 -47.08 -21.23
C ASP A 459 3.16 -48.11 -21.94
N GLY A 460 1.93 -47.70 -22.27
CA GLY A 460 0.99 -48.60 -22.95
C GLY A 460 1.25 -48.71 -24.43
N ALA A 461 2.20 -47.90 -24.93
CA ALA A 461 2.48 -47.81 -26.36
C ALA A 461 3.89 -48.27 -26.72
N GLN A 462 4.75 -48.47 -25.72
CA GLN A 462 6.15 -48.81 -25.98
C GLN A 462 6.38 -50.23 -26.51
N HIS A 463 5.38 -51.09 -26.35
CA HIS A 463 5.43 -52.47 -26.85
C HIS A 463 5.55 -52.55 -28.38
N PHE A 464 5.20 -51.46 -29.07
CA PHE A 464 5.40 -51.38 -30.53
C PHE A 464 6.54 -50.45 -30.94
N LEU A 465 7.44 -50.17 -30.00
CA LEU A 465 8.70 -49.54 -30.30
C LEU A 465 9.76 -50.64 -30.41
N LYS A 466 10.58 -50.57 -31.45
CA LYS A 466 11.65 -51.56 -31.65
C LYS A 466 12.59 -51.61 -30.45
N ASP A 467 13.25 -52.75 -30.26
CA ASP A 467 14.10 -52.99 -29.09
C ASP A 467 15.22 -51.95 -28.93
N ASP A 468 15.59 -51.31 -30.03
CA ASP A 468 16.62 -50.28 -30.03
C ASP A 468 16.01 -48.91 -30.39
N GLY A 469 14.69 -48.82 -30.31
CA GLY A 469 13.97 -47.61 -30.70
C GLY A 469 14.13 -46.45 -29.74
N VAL A 470 14.11 -45.23 -30.29
CA VAL A 470 14.23 -44.00 -29.50
C VAL A 470 12.84 -43.41 -29.22
N SER A 471 12.65 -42.91 -28.01
CA SER A 471 11.47 -42.12 -27.66
C SER A 471 11.85 -40.64 -27.56
N ILE A 472 11.11 -39.81 -28.29
CA ILE A 472 11.23 -38.37 -28.15
C ILE A 472 9.91 -37.82 -27.57
N PRO A 473 9.97 -37.27 -26.35
CA PRO A 473 11.17 -37.00 -25.57
C PRO A 473 11.75 -38.21 -24.84
N GLY A 474 13.05 -38.12 -24.51
CA GLY A 474 13.75 -39.19 -23.80
C GLY A 474 13.45 -39.27 -22.32
N GLU A 475 13.34 -38.10 -21.69
CA GLU A 475 13.03 -38.01 -20.26
C GLU A 475 12.48 -36.63 -19.87
N TYR A 476 11.80 -36.57 -18.73
CA TYR A 476 11.34 -35.28 -18.18
C TYR A 476 11.40 -35.27 -16.66
N THR A 477 11.65 -34.09 -16.12
CA THR A 477 11.79 -33.90 -14.68
C THR A 477 10.94 -32.71 -14.21
N SER A 478 10.19 -32.92 -13.13
CA SER A 478 9.41 -31.85 -12.52
C SER A 478 10.23 -31.12 -11.44
N PHE A 479 9.76 -29.94 -11.06
CA PHE A 479 10.45 -29.09 -10.11
C PHE A 479 9.47 -28.41 -9.18
N LEU A 480 9.92 -28.09 -7.98
CA LEU A 480 9.11 -27.36 -7.02
C LEU A 480 9.91 -26.25 -6.35
N ALA A 481 9.24 -25.14 -6.09
CA ALA A 481 9.77 -24.06 -5.27
C ALA A 481 8.66 -23.57 -4.35
N PRO A 482 8.98 -23.25 -3.09
CA PRO A 482 7.95 -22.67 -2.22
C PRO A 482 7.74 -21.19 -2.53
N ILE A 483 6.50 -20.74 -2.46
CA ILE A 483 6.17 -19.35 -2.78
C ILE A 483 5.35 -18.65 -1.71
N SER A 484 5.46 -17.32 -1.70
CA SER A 484 4.62 -16.46 -0.90
C SER A 484 3.76 -15.62 -1.83
N SER A 485 2.46 -15.59 -1.57
CA SER A 485 1.54 -14.72 -2.29
C SER A 485 0.19 -14.71 -1.60
N SER A 486 -0.15 -13.57 -1.00
CA SER A 486 -1.49 -13.37 -0.45
C SER A 486 -2.47 -13.18 -1.58
N LYS A 487 -2.01 -12.56 -2.67
CA LYS A 487 -2.81 -12.37 -3.87
C LYS A 487 -3.35 -13.70 -4.39
N LEU A 488 -2.46 -14.65 -4.66
CA LEU A 488 -2.86 -15.97 -5.18
C LEU A 488 -3.58 -16.83 -4.14
N TYR A 489 -3.20 -16.69 -2.87
CA TYR A 489 -3.87 -17.40 -1.78
C TYR A 489 -5.35 -17.01 -1.71
N ASN A 490 -5.64 -15.76 -2.03
CA ASN A 490 -6.99 -15.24 -2.02
C ASN A 490 -7.79 -15.74 -3.21
N GLU A 491 -7.12 -15.81 -4.36
CA GLU A 491 -7.70 -16.30 -5.61
C GLU A 491 -8.15 -17.76 -5.49
N VAL A 492 -7.32 -18.59 -4.85
CA VAL A 492 -7.64 -20.00 -4.62
C VAL A 492 -8.82 -20.10 -3.67
N ARG A 493 -8.76 -19.33 -2.59
CA ARG A 493 -9.82 -19.29 -1.57
C ARG A 493 -11.17 -18.93 -2.22
N ALA A 494 -11.12 -18.03 -3.20
CA ALA A 494 -12.31 -17.57 -3.90
C ALA A 494 -12.86 -18.60 -4.90
N CYS A 495 -12.14 -19.71 -5.08
CA CYS A 495 -12.58 -20.77 -5.99
C CYS A 495 -13.52 -21.78 -5.33
N ARG A 496 -13.98 -21.48 -4.10
CA ARG A 496 -14.94 -22.35 -3.42
C ARG A 496 -16.26 -22.41 -4.18
N GLU A 497 -16.74 -23.63 -4.40
CA GLU A 497 -18.00 -23.87 -5.10
C GLU A 497 -19.02 -24.45 -4.15
N LYS A 498 -20.29 -24.35 -4.53
CA LYS A 498 -21.36 -25.05 -3.85
C LYS A 498 -21.31 -26.54 -4.21
N ASP A 499 -21.91 -27.38 -3.36
CA ASP A 499 -22.08 -28.81 -3.63
C ASP A 499 -20.77 -29.63 -3.72
N ARG A 500 -19.71 -29.12 -3.09
CA ARG A 500 -18.50 -29.89 -2.85
C ARG A 500 -17.85 -29.50 -1.52
N ASP A 501 -16.81 -30.24 -1.12
CA ASP A 501 -15.99 -29.91 0.04
C ASP A 501 -15.65 -28.42 0.03
N PRO A 502 -15.93 -27.72 1.16
CA PRO A 502 -15.63 -26.28 1.24
C PRO A 502 -14.14 -25.95 1.18
N GLU A 503 -13.29 -26.98 1.19
CA GLU A 503 -11.84 -26.79 1.15
C GLU A 503 -11.15 -27.44 -0.05
N ALA A 504 -11.95 -27.94 -1.00
CA ALA A 504 -11.42 -28.63 -2.18
C ALA A 504 -10.55 -27.75 -3.08
N GLN A 505 -10.89 -26.47 -3.19
CA GLN A 505 -10.10 -25.51 -3.97
C GLN A 505 -8.62 -25.61 -3.63
N PHE A 506 -8.33 -25.90 -2.37
CA PHE A 506 -6.94 -25.94 -1.89
C PHE A 506 -6.23 -27.25 -2.22
N GLU A 507 -6.97 -28.24 -2.73
CA GLU A 507 -6.41 -29.58 -2.90
C GLU A 507 -6.29 -30.00 -4.35
N MET A 508 -6.00 -29.03 -5.20
CA MET A 508 -5.78 -29.30 -6.62
C MET A 508 -4.79 -28.28 -7.19
N PRO A 509 -3.99 -28.68 -8.20
CA PRO A 509 -3.05 -27.76 -8.78
C PRO A 509 -3.68 -26.88 -9.85
N TYR A 510 -3.22 -25.64 -9.94
CA TYR A 510 -3.75 -24.69 -10.92
C TYR A 510 -2.65 -24.27 -11.88
N VAL A 511 -2.99 -24.20 -13.16
CA VAL A 511 -2.09 -23.62 -14.15
C VAL A 511 -2.28 -22.11 -14.08
N VAL A 512 -1.20 -21.38 -13.83
CA VAL A 512 -1.29 -19.94 -13.62
C VAL A 512 0.02 -19.25 -14.00
N ARG A 513 -0.10 -18.14 -14.73
CA ARG A 513 1.05 -17.27 -14.97
C ARG A 513 1.31 -16.47 -13.68
N LEU A 514 2.08 -17.07 -12.78
CA LEU A 514 2.43 -16.47 -11.50
C LEU A 514 3.07 -15.12 -11.72
N HIS A 515 2.58 -14.12 -11.00
CA HIS A 515 3.01 -12.73 -11.21
C HIS A 515 3.25 -12.01 -9.88
N ASN A 516 2.18 -11.81 -9.11
CA ASN A 516 2.28 -11.18 -7.80
C ASN A 516 2.59 -12.22 -6.73
N PHE A 517 3.86 -12.63 -6.69
CA PHE A 517 4.33 -13.66 -5.77
C PHE A 517 5.81 -13.46 -5.43
N HIS A 518 6.25 -14.15 -4.38
CA HIS A 518 7.65 -14.17 -4.00
C HIS A 518 8.12 -15.60 -3.90
N GLN A 519 9.16 -15.94 -4.66
CA GLN A 519 9.75 -17.27 -4.59
C GLN A 519 10.72 -17.34 -3.41
N LEU A 520 10.48 -18.29 -2.51
CA LEU A 520 11.18 -18.33 -1.23
C LEU A 520 12.46 -19.18 -1.23
N SER A 521 12.61 -20.03 -2.23
CA SER A 521 13.80 -20.87 -2.39
C SER A 521 13.94 -21.31 -3.85
N ALA A 522 15.13 -21.74 -4.23
CA ALA A 522 15.39 -22.18 -5.60
C ALA A 522 14.64 -23.48 -5.94
N PRO A 523 14.19 -23.64 -7.20
CA PRO A 523 13.51 -24.87 -7.60
C PRO A 523 14.42 -26.09 -7.43
N GLN A 524 13.85 -27.19 -6.94
CA GLN A 524 14.56 -28.46 -6.82
C GLN A 524 13.78 -29.55 -7.57
N PRO A 525 14.50 -30.51 -8.19
CA PRO A 525 13.85 -31.62 -8.91
C PRO A 525 12.89 -32.40 -8.04
N CYS A 526 11.77 -32.84 -8.61
CA CYS A 526 10.78 -33.60 -7.88
C CYS A 526 10.65 -35.03 -8.43
N PHE A 527 9.94 -35.18 -9.55
CA PHE A 527 9.76 -36.50 -10.16
C PHE A 527 10.41 -36.56 -11.54
N THR A 528 10.96 -37.74 -11.87
CA THR A 528 11.62 -37.97 -13.15
C THR A 528 11.13 -39.25 -13.85
N PHE A 529 10.95 -39.16 -15.16
CA PHE A 529 10.53 -40.31 -15.96
C PHE A 529 11.38 -40.42 -17.22
N SER A 530 11.79 -41.66 -17.53
CA SER A 530 12.57 -41.97 -18.73
C SER A 530 11.79 -42.86 -19.69
N HIS A 531 11.98 -42.64 -20.98
CA HIS A 531 11.33 -43.45 -22.01
C HIS A 531 12.31 -43.85 -23.12
N PRO A 532 12.30 -45.14 -23.52
CA PRO A 532 11.44 -46.21 -22.99
C PRO A 532 11.80 -46.64 -21.57
N ASN A 533 10.95 -47.47 -20.98
CA ASN A 533 11.12 -47.92 -19.60
C ASN A 533 11.22 -49.44 -19.51
N ARG A 534 12.42 -49.96 -19.75
CA ARG A 534 12.65 -51.42 -19.79
C ARG A 534 12.72 -52.03 -18.38
N ASP A 535 12.19 -51.30 -17.39
CA ASP A 535 12.09 -51.76 -16.01
C ASP A 535 11.23 -53.01 -15.95
N PRO A 536 11.75 -54.11 -15.35
CA PRO A 536 11.01 -55.37 -15.19
C PRO A 536 9.58 -55.15 -14.68
N MET A 537 9.45 -54.61 -13.48
CA MET A 537 8.16 -54.18 -12.94
C MET A 537 8.04 -52.67 -13.08
N ILE A 538 7.14 -52.22 -13.95
CA ILE A 538 6.96 -50.80 -14.23
C ILE A 538 6.05 -50.17 -13.17
N ASP A 539 6.58 -49.20 -12.43
CA ASP A 539 5.83 -48.47 -11.41
C ASP A 539 6.04 -46.95 -11.51
N ASN A 540 4.96 -46.23 -11.77
CA ASN A 540 5.03 -44.78 -11.93
C ASN A 540 4.72 -43.99 -10.67
N ASN A 541 4.29 -44.70 -9.62
CA ASN A 541 4.09 -44.09 -8.31
C ASN A 541 5.39 -43.53 -7.74
N ARG A 542 5.28 -42.45 -6.98
CA ARG A 542 6.44 -41.75 -6.47
C ARG A 542 6.22 -41.22 -5.06
N TYR A 543 7.33 -41.04 -4.34
CA TYR A 543 7.34 -40.37 -3.05
C TYR A 543 8.67 -39.61 -2.95
N CYS A 544 8.58 -38.31 -2.71
CA CYS A 544 9.75 -37.44 -2.70
C CYS A 544 9.73 -36.45 -1.55
N THR A 545 10.87 -36.29 -0.89
CA THR A 545 11.03 -35.31 0.19
C THR A 545 11.98 -34.20 -0.25
N LEU A 546 11.53 -32.96 -0.13
CA LEU A 546 12.36 -31.80 -0.48
C LEU A 546 12.55 -30.88 0.71
N GLU A 547 13.79 -30.41 0.88
CA GLU A 547 14.11 -29.44 1.93
C GLU A 547 14.52 -28.11 1.28
N PHE A 548 13.79 -27.06 1.63
CA PHE A 548 14.01 -25.73 1.07
C PHE A 548 14.57 -24.76 2.09
N PRO A 549 15.85 -24.34 1.92
CA PRO A 549 16.46 -23.37 2.81
C PRO A 549 15.91 -21.97 2.54
N VAL A 550 15.26 -21.40 3.55
CA VAL A 550 14.65 -20.08 3.44
C VAL A 550 15.44 -19.05 4.25
N GLU A 551 15.76 -17.93 3.62
CA GLU A 551 16.55 -16.87 4.26
C GLU A 551 15.83 -15.52 4.27
N VAL A 552 14.57 -15.54 4.69
CA VAL A 552 13.79 -14.33 4.98
C VAL A 552 12.59 -14.73 5.84
N ASN A 553 12.03 -13.76 6.55
CA ASN A 553 10.76 -13.99 7.25
C ASN A 553 9.66 -13.87 6.21
N THR A 554 8.61 -14.69 6.33
CA THR A 554 7.58 -14.78 5.30
C THR A 554 6.40 -15.69 5.69
N VAL A 555 5.42 -15.80 4.80
CA VAL A 555 4.30 -16.72 4.94
C VAL A 555 4.19 -17.61 3.70
N LEU A 556 4.13 -18.92 3.92
CA LEU A 556 4.05 -19.91 2.84
C LEU A 556 2.61 -20.11 2.42
N HIS A 557 2.33 -19.92 1.14
CA HIS A 557 0.97 -20.07 0.60
C HIS A 557 0.84 -21.21 -0.41
N GLY A 558 1.97 -21.71 -0.89
CA GLY A 558 1.96 -22.81 -1.86
C GLY A 558 3.28 -23.09 -2.55
N PHE A 559 3.23 -23.98 -3.56
CA PHE A 559 4.41 -24.42 -4.29
C PHE A 559 4.24 -24.28 -5.80
N ALA A 560 5.14 -23.54 -6.42
CA ALA A 560 5.19 -23.41 -7.88
C ALA A 560 5.82 -24.65 -8.50
N GLY A 561 5.14 -25.21 -9.50
CA GLY A 561 5.68 -26.34 -10.25
C GLY A 561 6.19 -25.92 -11.62
N TYR A 562 7.32 -26.50 -12.01
CA TYR A 562 7.89 -26.29 -13.34
C TYR A 562 8.35 -27.63 -13.87
N PHE A 563 8.87 -27.65 -15.09
CA PHE A 563 9.42 -28.89 -15.66
C PHE A 563 10.54 -28.65 -16.67
N GLU A 564 11.36 -29.67 -16.84
CA GLU A 564 12.35 -29.73 -17.91
C GLU A 564 12.18 -31.06 -18.66
N THR A 565 12.49 -31.07 -19.95
CA THR A 565 12.46 -32.31 -20.70
C THR A 565 13.63 -32.47 -21.67
N VAL A 566 14.16 -33.69 -21.73
CA VAL A 566 15.14 -34.05 -22.74
C VAL A 566 14.38 -34.64 -23.93
N LEU A 567 14.35 -33.89 -25.02
CA LEU A 567 13.77 -34.37 -26.27
C LEU A 567 14.72 -35.40 -26.89
N TYR A 568 15.87 -34.91 -27.33
CA TYR A 568 16.97 -35.77 -27.78
C TYR A 568 18.31 -35.16 -27.43
N GLN A 569 19.13 -35.94 -26.73
CA GLN A 569 20.49 -35.55 -26.36
C GLN A 569 20.57 -34.19 -25.64
N ASP A 570 20.97 -33.15 -26.39
CA ASP A 570 21.14 -31.82 -25.83
C ASP A 570 20.01 -30.87 -26.23
N ILE A 571 19.07 -31.38 -27.01
CA ILE A 571 17.92 -30.58 -27.40
C ILE A 571 16.84 -30.72 -26.32
N THR A 572 16.47 -29.59 -25.72
CA THR A 572 15.63 -29.58 -24.54
C THR A 572 14.50 -28.55 -24.59
N LEU A 573 13.53 -28.71 -23.69
CA LEU A 573 12.51 -27.69 -23.44
C LEU A 573 12.43 -27.48 -21.92
N SER A 574 12.17 -26.25 -21.50
CA SER A 574 12.12 -25.94 -20.08
C SER A 574 11.22 -24.76 -19.74
N ILE A 575 10.47 -24.88 -18.64
CA ILE A 575 9.76 -23.71 -18.08
C ILE A 575 10.32 -23.31 -16.70
N ARG A 576 11.31 -24.07 -16.22
CA ARG A 576 12.10 -23.69 -15.06
C ARG A 576 12.75 -22.35 -15.36
N PRO A 577 12.49 -21.33 -14.51
CA PRO A 577 12.90 -19.95 -14.81
C PRO A 577 14.39 -19.77 -15.06
N GLU A 578 15.22 -20.57 -14.39
CA GLU A 578 16.68 -20.53 -14.59
C GLU A 578 17.08 -20.94 -16.00
N THR A 579 16.40 -21.96 -16.54
CA THR A 579 16.75 -22.55 -17.83
C THR A 579 15.59 -22.48 -18.83
N HIS A 580 14.73 -21.49 -18.67
CA HIS A 580 13.54 -21.32 -19.51
C HIS A 580 13.91 -21.18 -20.97
N SER A 581 13.07 -21.74 -21.85
CA SER A 581 13.24 -21.63 -23.29
C SER A 581 12.71 -20.28 -23.78
N PRO A 582 13.53 -19.52 -24.53
CA PRO A 582 13.12 -18.17 -24.97
C PRO A 582 11.86 -18.22 -25.82
N GLY A 583 10.89 -17.35 -25.50
CA GLY A 583 9.66 -17.20 -26.28
C GLY A 583 8.59 -18.27 -26.11
N MET A 584 8.88 -19.34 -25.37
CA MET A 584 7.97 -20.48 -25.26
C MET A 584 6.83 -20.20 -24.27
N PHE A 585 5.66 -19.86 -24.82
CA PHE A 585 4.48 -19.53 -24.01
C PHE A 585 3.56 -20.73 -23.76
N SER A 586 3.89 -21.88 -24.35
CA SER A 586 3.00 -23.03 -24.35
C SER A 586 2.65 -23.57 -22.96
N TRP A 587 3.55 -23.41 -22.00
CA TRP A 587 3.30 -23.84 -20.62
C TRP A 587 3.48 -22.71 -19.61
N PHE A 588 2.51 -22.58 -18.72
CA PHE A 588 2.63 -21.71 -17.55
C PHE A 588 3.01 -22.58 -16.37
N PRO A 589 3.54 -21.96 -15.30
CA PRO A 589 3.77 -22.72 -14.06
C PRO A 589 2.48 -23.31 -13.51
N ILE A 590 2.62 -24.36 -12.70
CA ILE A 590 1.50 -24.89 -11.95
C ILE A 590 1.60 -24.34 -10.53
N LEU A 591 0.46 -24.24 -9.85
CA LEU A 591 0.46 -23.86 -8.45
C LEU A 591 -0.21 -24.94 -7.62
N PHE A 592 0.54 -25.47 -6.66
CA PHE A 592 -0.01 -26.34 -5.63
C PHE A 592 -0.22 -25.48 -4.40
N PRO A 593 -1.48 -25.22 -4.02
CA PRO A 593 -1.74 -24.40 -2.83
C PRO A 593 -1.73 -25.25 -1.55
N ILE A 594 -1.83 -24.60 -0.39
CA ILE A 594 -2.05 -25.28 0.90
C ILE A 594 -3.21 -24.65 1.68
N LYS A 595 -4.01 -25.48 2.33
CA LYS A 595 -5.19 -25.06 3.11
C LYS A 595 -4.93 -23.85 3.99
N GLN A 596 -3.87 -23.93 4.81
CA GLN A 596 -3.54 -22.87 5.75
C GLN A 596 -2.15 -22.32 5.51
N PRO A 597 -2.02 -20.98 5.55
CA PRO A 597 -0.72 -20.32 5.41
C PRO A 597 0.18 -20.70 6.57
N ILE A 598 1.47 -20.82 6.31
CA ILE A 598 2.44 -21.23 7.33
C ILE A 598 3.52 -20.18 7.50
N THR A 599 3.72 -19.74 8.74
CA THR A 599 4.75 -18.75 9.07
C THR A 599 6.14 -19.38 8.96
N VAL A 600 7.04 -18.69 8.28
CA VAL A 600 8.43 -19.13 8.14
C VAL A 600 9.38 -18.00 8.53
N ARG A 601 10.35 -18.32 9.39
CA ARG A 601 11.33 -17.36 9.88
C ARG A 601 12.65 -17.46 9.11
N GLU A 602 13.39 -16.36 9.08
CA GLU A 602 14.72 -16.33 8.46
C GLU A 602 15.61 -17.43 9.04
N GLY A 603 16.23 -18.19 8.16
CA GLY A 603 17.13 -19.29 8.57
C GLY A 603 16.48 -20.65 8.68
N GLN A 604 15.15 -20.72 8.60
CA GLN A 604 14.42 -21.98 8.72
C GLN A 604 14.36 -22.77 7.40
N THR A 605 14.08 -24.07 7.52
CA THR A 605 13.95 -24.95 6.36
C THR A 605 12.49 -25.39 6.18
N ILE A 606 11.97 -25.13 4.98
CA ILE A 606 10.67 -25.67 4.58
C ILE A 606 10.86 -27.08 4.05
N CYS A 607 10.21 -28.05 4.69
CA CYS A 607 10.21 -29.41 4.20
C CYS A 607 8.85 -29.79 3.63
N VAL A 608 8.81 -30.14 2.34
CA VAL A 608 7.60 -30.64 1.71
C VAL A 608 7.74 -32.09 1.27
N ARG A 609 6.60 -32.78 1.19
CA ARG A 609 6.57 -34.16 0.74
C ARG A 609 5.52 -34.27 -0.34
N PHE A 610 5.90 -34.80 -1.50
CA PHE A 610 4.96 -35.04 -2.60
C PHE A 610 4.90 -36.52 -2.94
N TRP A 611 3.68 -37.03 -3.10
CA TRP A 611 3.46 -38.38 -3.61
C TRP A 611 2.74 -38.31 -4.95
N ARG A 612 3.16 -39.16 -5.89
CA ARG A 612 2.37 -39.42 -7.09
C ARG A 612 1.68 -40.77 -6.89
N CYS A 613 0.36 -40.78 -6.93
CA CYS A 613 -0.44 -41.98 -6.66
C CYS A 613 -1.30 -42.37 -7.84
N SER A 614 -1.81 -43.60 -7.81
CA SER A 614 -2.61 -44.13 -8.90
C SER A 614 -3.34 -45.42 -8.59
N ASN A 615 -4.38 -45.68 -9.37
CA ASN A 615 -4.97 -47.01 -9.49
C ASN A 615 -5.23 -47.24 -10.98
N SER A 616 -6.04 -48.24 -11.31
CA SER A 616 -6.33 -48.56 -12.71
C SER A 616 -7.08 -47.45 -13.45
N LYS A 617 -7.77 -46.59 -12.70
CA LYS A 617 -8.66 -45.59 -13.28
C LYS A 617 -8.14 -44.15 -13.30
N LYS A 618 -7.26 -43.81 -12.36
CA LYS A 618 -6.83 -42.40 -12.21
C LYS A 618 -5.45 -42.23 -11.58
N VAL A 619 -4.86 -41.06 -11.85
CA VAL A 619 -3.57 -40.66 -11.28
C VAL A 619 -3.72 -39.31 -10.59
N TRP A 620 -3.18 -39.20 -9.38
CA TRP A 620 -3.26 -37.96 -8.61
C TRP A 620 -2.01 -37.67 -7.78
N TYR A 621 -1.88 -36.42 -7.32
CA TYR A 621 -0.83 -36.04 -6.40
C TYR A 621 -1.38 -35.87 -4.99
N GLU A 622 -0.54 -36.14 -4.00
CA GLU A 622 -0.83 -35.81 -2.62
C GLU A 622 0.42 -35.12 -2.09
N TRP A 623 0.24 -34.12 -1.23
CA TRP A 623 1.36 -33.34 -0.73
C TRP A 623 1.16 -32.89 0.71
N ALA A 624 2.26 -32.71 1.44
CA ALA A 624 2.21 -32.22 2.81
C ALA A 624 3.50 -31.50 3.19
N VAL A 625 3.37 -30.50 4.04
CA VAL A 625 4.50 -29.79 4.62
C VAL A 625 4.78 -30.38 6.00
N THR A 626 6.05 -30.68 6.26
CA THR A 626 6.45 -31.26 7.55
C THR A 626 7.32 -30.34 8.41
N ALA A 627 7.86 -29.28 7.81
CA ALA A 627 8.67 -28.30 8.54
C ALA A 627 8.56 -26.92 7.89
N PRO A 628 8.59 -25.83 8.70
CA PRO A 628 8.79 -25.73 10.15
C PRO A 628 7.66 -26.31 11.00
N VAL A 629 6.43 -26.27 10.48
CA VAL A 629 5.30 -26.95 11.12
C VAL A 629 4.65 -27.87 10.08
N CYS A 630 3.77 -28.75 10.56
CA CYS A 630 3.06 -29.65 9.67
C CYS A 630 1.81 -29.01 9.09
N SER A 631 1.46 -29.43 7.87
CA SER A 631 0.15 -29.15 7.30
C SER A 631 -0.61 -30.47 7.31
N ALA A 632 -1.90 -30.39 7.06
CA ALA A 632 -2.68 -31.60 6.81
C ALA A 632 -2.23 -32.18 5.48
N ILE A 633 -2.19 -33.50 5.38
CA ILE A 633 -1.97 -34.17 4.11
C ILE A 633 -3.06 -33.71 3.14
N HIS A 634 -2.63 -33.15 2.02
CA HIS A 634 -3.55 -32.61 1.02
C HIS A 634 -3.96 -33.63 -0.01
N ASN A 635 -5.24 -33.59 -0.37
CA ASN A 635 -5.83 -34.48 -1.37
C ASN A 635 -5.70 -35.99 -1.11
N PRO A 636 -5.88 -36.42 0.16
CA PRO A 636 -5.74 -37.86 0.39
C PRO A 636 -6.75 -38.66 -0.42
N THR A 637 -6.29 -39.70 -1.12
CA THR A 637 -7.18 -40.58 -1.89
C THR A 637 -7.60 -39.98 -3.23
N GLY A 638 -7.16 -38.76 -3.51
CA GLY A 638 -7.60 -38.02 -4.70
C GLY A 638 -9.05 -37.56 -4.54
N ARG A 639 -9.46 -37.32 -3.30
CA ARG A 639 -10.84 -36.95 -2.95
C ARG A 639 -11.28 -35.64 -3.61
N SER A 640 -10.33 -34.76 -3.92
CA SER A 640 -10.65 -33.46 -4.49
C SER A 640 -10.20 -33.30 -5.94
N TYR A 641 -9.20 -34.08 -6.34
CA TYR A 641 -8.62 -33.97 -7.68
C TYR A 641 -7.94 -35.26 -8.12
N THR A 642 -8.33 -35.75 -9.30
CA THR A 642 -7.62 -36.83 -9.97
C THR A 642 -7.53 -36.53 -11.47
N ILE A 643 -6.66 -37.26 -12.16
CA ILE A 643 -6.61 -37.21 -13.62
C ILE A 643 -7.00 -38.61 -14.10
N GLY A 644 -8.07 -38.68 -14.87
CA GLY A 644 -8.61 -39.96 -15.31
C GLY A 644 -7.78 -40.67 -16.35
N LEU A 645 -7.65 -41.98 -16.18
CA LEU A 645 -7.02 -42.84 -17.19
C LEU A 645 -8.03 -43.32 -18.23
N GLU B 24 -24.04 44.57 10.14
CA GLU B 24 -23.67 45.21 8.84
C GLU B 24 -23.67 46.74 8.92
N TRP B 25 -23.05 47.26 9.98
CA TRP B 25 -22.91 48.71 10.19
C TRP B 25 -21.93 49.32 9.19
N ASN B 26 -20.81 48.64 8.96
CA ASN B 26 -19.82 49.11 7.99
C ASN B 26 -19.22 48.01 7.10
N LEU B 27 -18.38 47.16 7.70
CA LEU B 27 -17.54 46.20 6.97
C LEU B 27 -16.65 46.92 5.94
N PRO B 28 -15.47 47.37 6.38
CA PRO B 28 -14.54 48.24 5.62
C PRO B 28 -14.04 47.63 4.30
N PRO B 29 -13.38 48.44 3.45
CA PRO B 29 -12.77 47.94 2.20
C PRO B 29 -11.87 46.72 2.41
N ASN B 30 -11.93 45.78 1.47
CA ASN B 30 -11.17 44.51 1.50
C ASN B 30 -11.73 43.44 2.45
N ALA B 31 -12.49 43.87 3.45
CA ALA B 31 -13.09 42.95 4.43
C ALA B 31 -14.28 42.19 3.82
N PRO B 32 -14.33 40.86 4.04
CA PRO B 32 -15.41 40.00 3.53
C PRO B 32 -16.76 40.32 4.16
N ALA B 33 -17.83 39.99 3.44
CA ALA B 33 -19.19 40.25 3.89
C ALA B 33 -19.63 39.29 5.01
N CYS B 34 -19.02 38.10 5.04
CA CYS B 34 -19.40 37.06 5.99
C CYS B 34 -18.20 36.36 6.62
N MET B 35 -18.35 35.93 7.87
CA MET B 35 -17.31 35.21 8.60
C MET B 35 -17.69 33.74 8.81
N GLU B 36 -16.75 32.85 8.50
CA GLU B 36 -16.94 31.40 8.62
C GLU B 36 -17.21 30.94 10.05
N ARG B 37 -18.02 29.89 10.19
CA ARG B 37 -18.61 29.47 11.45
C ARG B 37 -17.63 29.09 12.56
N GLN B 38 -16.52 28.46 12.21
CA GLN B 38 -15.61 27.90 13.21
C GLN B 38 -14.50 28.86 13.64
N LEU B 39 -14.68 29.47 14.82
CA LEU B 39 -13.70 30.36 15.40
C LEU B 39 -12.53 29.56 16.01
N GLU B 40 -11.34 29.78 15.47
CA GLU B 40 -10.16 29.01 15.86
C GLU B 40 -9.29 29.71 16.91
N ALA B 41 -9.10 31.02 16.77
CA ALA B 41 -8.19 31.76 17.64
C ALA B 41 -8.65 33.17 17.98
N ALA B 42 -8.38 33.58 19.22
CA ALA B 42 -8.64 34.94 19.69
C ALA B 42 -7.43 35.46 20.48
N ARG B 43 -6.91 36.61 20.05
CA ARG B 43 -5.69 37.18 20.63
C ARG B 43 -5.76 38.70 20.83
N TYR B 44 -5.74 39.14 22.09
CA TYR B 44 -5.68 40.57 22.40
C TYR B 44 -4.32 41.18 22.10
N ARG B 45 -4.32 42.30 21.38
CA ARG B 45 -3.12 43.11 21.17
C ARG B 45 -2.86 43.94 22.43
N SER B 46 -1.64 44.44 22.57
CA SER B 46 -1.25 45.24 23.75
C SER B 46 -2.12 46.50 23.93
N ASP B 47 -2.54 47.09 22.83
CA ASP B 47 -3.38 48.30 22.86
C ASP B 47 -4.86 48.04 23.17
N GLY B 48 -5.25 46.77 23.26
CA GLY B 48 -6.60 46.37 23.64
C GLY B 48 -7.50 45.84 22.54
N ALA B 49 -6.99 45.88 21.30
CA ALA B 49 -7.72 45.38 20.14
C ALA B 49 -7.70 43.84 20.10
N LEU B 50 -8.70 43.25 19.44
CA LEU B 50 -8.84 41.79 19.42
C LEU B 50 -8.70 41.17 18.02
N LEU B 51 -7.73 40.26 17.89
CA LEU B 51 -7.49 39.52 16.65
C LEU B 51 -8.32 38.23 16.64
N LEU B 52 -8.97 37.98 15.51
CA LEU B 52 -9.76 36.76 15.32
C LEU B 52 -9.30 35.93 14.13
N GLY B 53 -9.13 34.63 14.36
CA GLY B 53 -8.86 33.66 13.31
C GLY B 53 -10.02 32.69 13.20
N ALA B 54 -10.44 32.40 11.97
CA ALA B 54 -11.60 31.53 11.74
C ALA B 54 -11.44 30.63 10.51
N SER B 55 -12.08 29.46 10.58
CA SER B 55 -12.08 28.51 9.46
C SER B 55 -13.49 28.10 9.07
N SER B 56 -13.64 27.68 7.82
CA SER B 56 -14.84 26.98 7.37
C SER B 56 -14.52 25.49 7.29
N LEU B 57 -14.99 24.73 8.27
CA LEU B 57 -14.66 23.31 8.40
C LEU B 57 -15.76 22.38 7.85
N SER B 58 -16.78 22.99 7.24
CA SER B 58 -17.85 22.25 6.59
C SER B 58 -18.39 23.06 5.42
N GLY B 59 -19.42 22.55 4.75
CA GLY B 59 -20.04 23.25 3.61
C GLY B 59 -19.19 23.23 2.35
N ARG B 60 -19.66 23.94 1.33
CA ARG B 60 -19.02 23.95 0.01
C ARG B 60 -17.57 24.39 0.05
N CYS B 61 -17.30 25.53 0.69
CA CYS B 61 -15.97 26.11 0.70
CA CYS B 61 -15.97 26.14 0.70
C CYS B 61 -15.24 25.85 2.01
N TRP B 62 -14.04 25.30 1.91
CA TRP B 62 -13.21 25.04 3.09
C TRP B 62 -12.05 26.03 3.16
N ALA B 63 -12.35 27.23 3.62
CA ALA B 63 -11.36 28.30 3.65
C ALA B 63 -11.18 28.86 5.07
N GLY B 64 -10.68 30.09 5.14
CA GLY B 64 -10.46 30.77 6.41
C GLY B 64 -10.38 32.28 6.26
N SER B 65 -10.44 32.98 7.38
CA SER B 65 -10.43 34.44 7.40
C SER B 65 -9.72 35.01 8.62
N LEU B 66 -9.25 36.25 8.49
CA LEU B 66 -8.61 36.99 9.58
C LEU B 66 -9.36 38.28 9.85
N TRP B 67 -9.51 38.62 11.14
CA TRP B 67 -10.29 39.78 11.55
C TRP B 67 -9.63 40.57 12.68
N LEU B 68 -9.80 41.89 12.62
CA LEU B 68 -9.39 42.77 13.71
C LEU B 68 -10.59 43.56 14.24
N PHE B 69 -10.77 43.50 15.56
CA PHE B 69 -11.86 44.20 16.23
C PHE B 69 -11.34 45.15 17.30
N LYS B 70 -11.24 46.44 16.95
CA LYS B 70 -10.83 47.47 17.92
C LYS B 70 -11.89 47.64 19.00
N ASP B 71 -13.13 47.29 18.67
CA ASP B 71 -14.21 47.17 19.64
C ASP B 71 -14.40 45.67 19.95
N PRO B 72 -13.86 45.22 21.11
CA PRO B 72 -13.92 43.80 21.50
C PRO B 72 -15.35 43.30 21.72
N CYS B 73 -16.25 44.21 22.12
CA CYS B 73 -17.66 43.88 22.30
C CYS B 73 -18.40 43.71 20.97
N ALA B 74 -17.82 44.24 19.89
CA ALA B 74 -18.43 44.21 18.56
C ALA B 74 -18.36 42.83 17.92
N ALA B 75 -17.30 42.07 18.23
CA ALA B 75 -17.12 40.71 17.71
C ALA B 75 -18.21 39.78 18.22
N PRO B 76 -18.61 38.77 17.42
CA PRO B 76 -18.09 38.34 16.12
C PRO B 76 -18.75 39.01 14.90
N ASN B 77 -19.49 40.09 15.14
CA ASN B 77 -20.25 40.78 14.09
C ASN B 77 -19.37 41.43 13.02
N GLU B 78 -19.43 40.88 11.80
CA GLU B 78 -18.63 41.33 10.66
C GLU B 78 -18.83 42.81 10.33
N GLY B 79 -19.98 43.35 10.71
CA GLY B 79 -20.34 44.75 10.46
C GLY B 79 -19.46 45.75 11.17
N PHE B 80 -19.27 45.56 12.48
CA PHE B 80 -18.48 46.50 13.28
C PHE B 80 -17.03 46.02 13.48
N CYS B 81 -16.33 45.78 12.38
CA CYS B 81 -14.93 45.37 12.44
C CYS B 81 -14.00 46.43 11.84
N SER B 82 -12.76 46.44 12.32
CA SER B 82 -11.76 47.40 11.85
C SER B 82 -11.15 46.95 10.53
N ALA B 83 -10.85 45.66 10.42
CA ALA B 83 -10.26 45.07 9.21
C ALA B 83 -10.59 43.58 9.06
N GLY B 84 -10.50 43.08 7.83
CA GLY B 84 -10.78 41.68 7.52
C GLY B 84 -10.21 41.22 6.20
N VAL B 85 -9.89 39.92 6.10
CA VAL B 85 -9.37 39.33 4.86
C VAL B 85 -9.64 37.83 4.76
N GLN B 86 -9.79 37.34 3.53
CA GLN B 86 -9.96 35.92 3.24
C GLN B 86 -8.63 35.25 2.92
N THR B 87 -8.33 34.17 3.62
CA THR B 87 -7.18 33.32 3.31
C THR B 87 -7.62 32.22 2.35
N GLU B 88 -6.68 31.69 1.58
CA GLU B 88 -6.97 30.61 0.62
C GLU B 88 -7.56 29.37 1.30
N ALA B 89 -6.97 28.98 2.43
CA ALA B 89 -7.38 27.78 3.15
C ALA B 89 -7.71 28.12 4.60
N GLY B 90 -7.96 27.08 5.39
CA GLY B 90 -8.32 27.25 6.79
C GLY B 90 -7.18 27.72 7.66
N VAL B 91 -7.54 28.25 8.81
CA VAL B 91 -6.58 28.72 9.80
C VAL B 91 -6.60 27.73 10.95
N ALA B 92 -5.53 26.96 11.08
CA ALA B 92 -5.40 25.95 12.14
C ALA B 92 -4.84 26.55 13.42
N ASP B 93 -4.03 27.61 13.26
CA ASP B 93 -3.46 28.35 14.37
C ASP B 93 -2.94 29.71 13.87
N LEU B 94 -2.85 30.67 14.78
CA LEU B 94 -2.23 31.96 14.48
C LEU B 94 -1.60 32.61 15.71
N THR B 95 -0.89 33.71 15.47
CA THR B 95 -0.31 34.53 16.53
C THR B 95 0.01 35.95 16.04
N TRP B 96 0.02 36.89 16.98
CA TRP B 96 0.50 38.24 16.72
C TRP B 96 2.01 38.23 16.49
N VAL B 97 2.47 39.03 15.53
CA VAL B 97 3.89 39.30 15.35
C VAL B 97 4.10 40.80 15.61
N GLY B 98 4.47 41.11 16.85
CA GLY B 98 4.63 42.49 17.27
C GLY B 98 3.29 43.16 17.44
N GLU B 99 3.00 44.14 16.58
CA GLU B 99 1.79 44.94 16.72
C GLU B 99 0.96 44.99 15.44
N ARG B 100 1.57 44.67 14.31
CA ARG B 100 0.89 44.70 13.02
C ARG B 100 1.03 43.40 12.21
N GLY B 101 1.93 42.53 12.65
CA GLY B 101 2.16 41.25 11.98
C GLY B 101 1.24 40.15 12.46
N ILE B 102 0.72 39.36 11.52
CA ILE B 102 -0.11 38.20 11.83
C ILE B 102 0.44 36.95 11.14
N LEU B 103 0.83 35.97 11.96
CA LEU B 103 1.43 34.72 11.46
C LEU B 103 0.44 33.56 11.50
N VAL B 104 0.23 32.92 10.35
CA VAL B 104 -0.86 31.94 10.20
C VAL B 104 -0.38 30.52 9.85
N ALA B 105 -0.82 29.55 10.65
CA ALA B 105 -0.65 28.13 10.35
C ALA B 105 -1.83 27.66 9.50
N SER B 106 -1.54 27.28 8.26
CA SER B 106 -2.57 26.98 7.27
C SER B 106 -2.75 25.49 6.96
N ASP B 107 -3.99 25.14 6.62
CA ASP B 107 -4.34 23.81 6.09
C ASP B 107 -3.53 23.44 4.84
N SER B 108 -3.19 24.45 4.04
CA SER B 108 -2.51 24.24 2.76
C SER B 108 -1.04 23.78 2.88
N GLY B 109 -0.55 23.72 4.11
CA GLY B 109 0.84 23.37 4.37
C GLY B 109 1.71 24.61 4.47
N ALA B 110 1.14 25.75 4.08
CA ALA B 110 1.86 27.01 4.08
C ALA B 110 1.87 27.65 5.46
N VAL B 111 2.97 28.34 5.75
CA VAL B 111 3.02 29.31 6.82
C VAL B 111 3.00 30.67 6.12
N GLU B 112 2.08 31.54 6.55
CA GLU B 112 1.98 32.85 5.93
C GLU B 112 1.96 34.01 6.93
N LEU B 113 2.55 35.13 6.52
CA LEU B 113 2.58 36.34 7.31
C LEU B 113 1.74 37.43 6.65
N TRP B 114 0.82 37.97 7.42
CA TRP B 114 -0.04 39.06 6.98
C TRP B 114 0.34 40.33 7.74
N GLU B 115 0.65 41.37 6.96
CA GLU B 115 1.05 42.66 7.52
C GLU B 115 -0.16 43.58 7.56
N LEU B 116 -0.39 44.19 8.73
CA LEU B 116 -1.52 45.10 8.91
C LEU B 116 -1.25 46.46 8.25
N ASP B 117 -2.33 47.14 7.88
CA ASP B 117 -2.28 48.44 7.21
C ASP B 117 -1.72 49.52 8.13
N GLU B 118 -1.20 50.60 7.54
CA GLU B 118 -0.73 51.75 8.34
C GLU B 118 -1.89 52.46 9.02
N ASN B 119 -3.05 52.47 8.36
CA ASN B 119 -4.29 52.98 8.94
C ASN B 119 -5.03 51.89 9.71
N GLU B 120 -4.54 50.66 9.57
CA GLU B 120 -5.10 49.47 10.22
C GLU B 120 -6.53 49.16 9.78
N THR B 121 -6.74 49.19 8.46
CA THR B 121 -8.06 48.98 7.86
C THR B 121 -7.99 47.92 6.75
N LEU B 122 -6.77 47.51 6.41
CA LEU B 122 -6.53 46.44 5.45
C LEU B 122 -5.54 45.43 6.04
N ILE B 123 -5.77 44.15 5.76
CA ILE B 123 -4.83 43.10 6.11
C ILE B 123 -4.25 42.52 4.82
N VAL B 124 -2.97 42.78 4.59
CA VAL B 124 -2.32 42.42 3.32
C VAL B 124 -1.26 41.33 3.52
N SER B 125 -1.19 40.40 2.56
CA SER B 125 -0.25 39.29 2.59
C SER B 125 1.18 39.78 2.34
N LYS B 126 2.10 39.32 3.18
CA LYS B 126 3.52 39.66 3.02
C LYS B 126 4.31 38.50 2.40
N PHE B 127 4.20 37.31 3.00
CA PHE B 127 4.72 36.09 2.39
C PHE B 127 3.82 34.87 2.63
N CYS B 128 3.87 33.93 1.68
CA CYS B 128 3.13 32.69 1.77
C CYS B 128 4.05 31.57 1.27
N LYS B 129 4.65 30.85 2.21
CA LYS B 129 5.65 29.83 1.86
C LYS B 129 5.17 28.40 2.12
N TYR B 130 5.07 27.63 1.04
CA TYR B 130 4.60 26.25 1.09
C TYR B 130 5.77 25.32 1.40
N GLU B 131 6.02 25.12 2.69
CA GLU B 131 7.20 24.37 3.12
C GLU B 131 6.88 23.04 3.80
N HIS B 132 5.71 22.96 4.42
CA HIS B 132 5.25 21.72 5.04
C HIS B 132 4.50 20.83 4.04
N ASP B 133 4.55 19.52 4.26
CA ASP B 133 3.93 18.55 3.34
C ASP B 133 2.48 18.22 3.71
N ASP B 134 2.01 18.78 4.81
CA ASP B 134 0.68 18.51 5.34
C ASP B 134 0.19 19.77 6.06
N ILE B 135 -1.01 19.71 6.63
CA ILE B 135 -1.55 20.81 7.44
C ILE B 135 -0.54 21.27 8.49
N VAL B 136 -0.33 22.59 8.56
CA VAL B 136 0.45 23.19 9.64
C VAL B 136 -0.52 23.43 10.80
N SER B 137 -0.26 22.78 11.94
CA SER B 137 -1.22 22.79 13.04
C SER B 137 -0.91 23.77 14.18
N THR B 138 0.35 24.21 14.28
CA THR B 138 0.78 25.06 15.41
C THR B 138 1.93 26.02 15.08
N VAL B 139 1.82 27.24 15.60
CA VAL B 139 2.88 28.26 15.46
C VAL B 139 3.09 29.06 16.74
N SER B 140 4.33 29.46 17.00
CA SER B 140 4.66 30.31 18.13
C SER B 140 5.79 31.26 17.75
N VAL B 141 5.66 32.52 18.16
CA VAL B 141 6.72 33.52 17.93
C VAL B 141 7.74 33.45 19.06
N LEU B 142 9.01 33.37 18.69
CA LEU B 142 10.13 33.38 19.64
C LEU B 142 10.34 34.77 20.25
N SER B 143 10.99 34.79 21.42
CA SER B 143 11.11 36.00 22.26
C SER B 143 11.56 37.28 21.53
N SER B 144 12.54 37.16 20.64
CA SER B 144 13.08 38.31 19.91
C SER B 144 12.06 38.96 18.98
N GLY B 145 11.16 38.14 18.43
CA GLY B 145 10.14 38.61 17.50
C GLY B 145 10.62 38.61 16.05
N THR B 146 11.82 38.09 15.83
CA THR B 146 12.39 38.00 14.49
C THR B 146 12.25 36.60 13.92
N GLN B 147 11.95 35.64 14.79
CA GLN B 147 11.92 34.23 14.42
C GLN B 147 10.73 33.49 15.02
N ALA B 148 10.30 32.44 14.32
CA ALA B 148 9.15 31.65 14.76
C ALA B 148 9.34 30.15 14.47
N VAL B 149 8.66 29.34 15.28
CA VAL B 149 8.68 27.89 15.13
C VAL B 149 7.29 27.37 14.75
N SER B 150 7.23 26.57 13.68
CA SER B 150 5.99 25.96 13.23
C SER B 150 6.00 24.43 13.36
N GLY B 151 4.84 23.86 13.63
CA GLY B 151 4.66 22.41 13.76
C GLY B 151 3.53 21.91 12.88
N SER B 152 3.72 20.73 12.28
CA SER B 152 2.78 20.23 11.27
C SER B 152 2.38 18.76 11.50
N LYS B 153 1.42 18.31 10.70
CA LYS B 153 1.02 16.91 10.65
C LYS B 153 2.04 16.08 9.86
N ASP B 154 2.85 16.76 9.06
CA ASP B 154 3.95 16.11 8.33
C ASP B 154 5.10 15.70 9.26
N ILE B 155 4.87 15.85 10.57
CA ILE B 155 5.74 15.35 11.64
C ILE B 155 6.98 16.25 11.90
N CYS B 156 7.19 17.22 11.02
CA CYS B 156 8.33 18.14 11.12
C CYS B 156 8.08 19.36 12.00
N ILE B 157 9.16 19.95 12.50
CA ILE B 157 9.16 21.23 13.19
C ILE B 157 10.15 22.13 12.46
N LYS B 158 9.73 23.36 12.15
CA LYS B 158 10.55 24.28 11.35
C LYS B 158 10.82 25.61 12.04
N VAL B 159 12.03 26.13 11.86
CA VAL B 159 12.44 27.42 12.43
C VAL B 159 12.56 28.48 11.33
N TRP B 160 11.84 29.59 11.50
CA TRP B 160 11.66 30.59 10.45
C TRP B 160 12.38 31.91 10.71
N ASP B 161 12.95 32.48 9.66
CA ASP B 161 13.41 33.87 9.68
C ASP B 161 12.31 34.73 9.04
N LEU B 162 11.61 35.49 9.88
CA LEU B 162 10.44 36.26 9.44
C LEU B 162 10.78 37.40 8.50
N ALA B 163 11.93 38.04 8.73
CA ALA B 163 12.38 39.14 7.87
C ALA B 163 12.89 38.62 6.52
N GLN B 164 13.57 37.48 6.53
CA GLN B 164 14.17 36.91 5.32
C GLN B 164 13.22 35.97 4.58
N GLN B 165 12.09 35.63 5.21
CA GLN B 165 11.04 34.79 4.63
C GLN B 165 11.50 33.36 4.28
N VAL B 166 12.38 32.80 5.10
CA VAL B 166 12.92 31.46 4.83
C VAL B 166 12.94 30.56 6.06
N VAL B 167 13.10 29.26 5.82
CA VAL B 167 13.30 28.27 6.87
C VAL B 167 14.80 28.17 7.11
N LEU B 168 15.21 28.40 8.36
CA LEU B 168 16.62 28.28 8.74
C LEU B 168 16.96 26.83 9.08
N SER B 169 16.07 26.19 9.84
CA SER B 169 16.27 24.81 10.28
C SER B 169 14.98 24.00 10.23
N SER B 170 15.10 22.75 9.79
CA SER B 170 13.99 21.80 9.77
C SER B 170 14.34 20.60 10.63
N TYR B 171 13.43 20.23 11.54
CA TYR B 171 13.69 19.14 12.48
C TYR B 171 12.63 18.06 12.44
N ARG B 172 13.06 16.83 12.17
CA ARG B 172 12.19 15.66 12.22
C ARG B 172 12.53 14.85 13.47
N ALA B 173 12.13 15.35 14.63
CA ALA B 173 12.43 14.70 15.89
C ALA B 173 11.34 13.73 16.32
N HIS B 174 10.10 14.07 15.95
CA HIS B 174 8.93 13.30 16.36
C HIS B 174 8.63 12.10 15.45
N ALA B 175 7.75 11.23 15.94
CA ALA B 175 7.37 10.01 15.22
C ALA B 175 5.90 10.02 14.79
N ALA B 176 5.17 11.03 15.25
CA ALA B 176 3.79 11.26 14.86
C ALA B 176 3.55 12.77 14.69
N GLN B 177 2.34 13.14 14.26
CA GLN B 177 2.01 14.53 13.97
C GLN B 177 2.23 15.47 15.16
N VAL B 178 2.75 16.66 14.87
CA VAL B 178 3.06 17.66 15.90
C VAL B 178 1.78 18.39 16.31
N THR B 179 1.51 18.40 17.61
CA THR B 179 0.28 18.96 18.15
C THR B 179 0.43 20.43 18.55
N CYS B 180 1.52 20.74 19.24
CA CYS B 180 1.73 22.08 19.80
C CYS B 180 3.21 22.46 19.91
N VAL B 181 3.53 23.67 19.49
CA VAL B 181 4.86 24.25 19.73
C VAL B 181 4.75 25.58 20.46
N ALA B 182 5.50 25.73 21.55
CA ALA B 182 5.46 26.95 22.36
C ALA B 182 6.85 27.49 22.68
N ALA B 183 7.15 28.68 22.14
CA ALA B 183 8.42 29.38 22.39
C ALA B 183 8.54 29.82 23.85
N SER B 184 9.76 29.71 24.40
CA SER B 184 10.03 30.18 25.76
C SER B 184 9.89 31.69 25.84
N PRO B 185 9.43 32.21 27.00
CA PRO B 185 9.16 33.64 27.14
C PRO B 185 10.36 34.54 26.80
N HIS B 186 11.57 34.12 27.19
CA HIS B 186 12.74 35.00 27.13
C HIS B 186 13.96 34.49 26.36
N LYS B 187 14.01 33.20 26.06
CA LYS B 187 15.16 32.63 25.36
C LYS B 187 14.83 32.26 23.91
N ASP B 188 15.56 32.86 22.98
CA ASP B 188 15.27 32.77 21.55
C ASP B 188 15.61 31.41 20.92
N SER B 189 16.25 30.53 21.67
CA SER B 189 16.66 29.23 21.16
C SER B 189 15.99 28.07 21.89
N VAL B 190 15.13 28.40 22.86
CA VAL B 190 14.40 27.40 23.64
C VAL B 190 12.91 27.42 23.30
N PHE B 191 12.34 26.22 23.10
CA PHE B 191 10.89 26.06 22.92
C PHE B 191 10.41 24.65 23.27
N LEU B 192 9.14 24.54 23.64
CA LEU B 192 8.53 23.25 23.89
C LEU B 192 7.81 22.75 22.63
N SER B 193 7.63 21.44 22.55
CA SER B 193 6.82 20.81 21.50
C SER B 193 6.30 19.47 21.98
N CYS B 194 5.07 19.15 21.62
CA CYS B 194 4.49 17.86 21.94
C CYS B 194 3.78 17.24 20.75
N SER B 195 3.79 15.91 20.70
CA SER B 195 3.28 15.16 19.56
C SER B 195 2.49 13.93 20.01
N GLU B 196 1.82 13.29 19.07
CA GLU B 196 1.01 12.11 19.36
C GLU B 196 1.87 10.85 19.51
N ASP B 197 3.18 11.00 19.34
CA ASP B 197 4.14 9.95 19.66
C ASP B 197 4.42 9.89 21.17
N ASN B 198 3.61 10.63 21.93
CA ASN B 198 3.70 10.69 23.40
C ASN B 198 4.94 11.40 23.95
N ARG B 199 5.58 12.22 23.12
CA ARG B 199 6.79 12.96 23.53
C ARG B 199 6.54 14.46 23.73
N ILE B 200 6.89 14.95 24.91
CA ILE B 200 7.08 16.39 25.12
C ILE B 200 8.58 16.64 24.99
N LEU B 201 8.97 17.50 24.06
CA LEU B 201 10.38 17.80 23.83
C LEU B 201 10.75 19.23 24.24
N LEU B 202 11.75 19.33 25.10
CA LEU B 202 12.36 20.61 25.48
C LEU B 202 13.51 20.88 24.53
N TRP B 203 13.41 21.98 23.79
CA TRP B 203 14.39 22.28 22.75
C TRP B 203 15.38 23.35 23.19
N ASP B 204 16.56 23.31 22.59
CA ASP B 204 17.60 24.32 22.73
C ASP B 204 18.50 24.18 21.52
N THR B 205 18.25 25.01 20.50
CA THR B 205 18.95 24.88 19.22
C THR B 205 20.45 25.24 19.27
N ARG B 206 20.95 25.51 20.47
CA ARG B 206 22.38 25.74 20.68
C ARG B 206 23.14 24.42 20.81
N CYS B 207 22.46 23.38 21.30
CA CYS B 207 23.02 22.02 21.36
C CYS B 207 23.07 21.38 19.98
N PRO B 208 24.08 20.51 19.75
CA PRO B 208 24.15 19.73 18.49
C PRO B 208 22.96 18.78 18.35
N LYS B 209 22.53 18.19 19.46
CA LYS B 209 21.26 17.47 19.53
C LYS B 209 20.26 18.33 20.31
N PRO B 210 19.44 19.12 19.59
CA PRO B 210 18.61 20.18 20.19
C PRO B 210 17.49 19.70 21.11
N ALA B 211 16.91 18.53 20.82
CA ALA B 211 15.75 18.06 21.56
C ALA B 211 16.12 17.27 22.82
N SER B 212 15.28 17.39 23.84
CA SER B 212 15.43 16.62 25.07
C SER B 212 14.05 16.16 25.54
N GLN B 213 13.90 14.85 25.71
CA GLN B 213 12.63 14.26 26.09
C GLN B 213 12.31 14.50 27.56
N ILE B 214 11.25 15.25 27.80
CA ILE B 214 10.82 15.61 29.15
C ILE B 214 9.40 15.12 29.42
N GLY B 215 9.22 14.47 30.57
CA GLY B 215 7.90 14.00 30.99
C GLY B 215 7.82 13.87 32.49
N CYS B 216 6.84 13.12 32.98
CA CYS B 216 6.74 12.80 34.40
C CYS B 216 7.73 11.68 34.75
N SER B 217 7.19 10.50 35.04
CA SER B 217 8.00 9.32 35.29
C SER B 217 7.61 8.25 34.26
N ALA B 218 6.41 7.70 34.42
CA ALA B 218 5.85 6.76 33.47
C ALA B 218 5.08 7.50 32.39
N PRO B 219 5.29 7.13 31.11
CA PRO B 219 4.57 7.74 29.99
C PRO B 219 3.05 7.53 30.10
N GLY B 220 2.32 8.65 30.18
CA GLY B 220 0.87 8.61 30.34
C GLY B 220 0.14 8.91 29.05
N TYR B 221 -0.98 9.64 29.17
CA TYR B 221 -1.81 10.01 28.03
C TYR B 221 -1.15 11.09 27.17
N LEU B 222 -1.43 11.05 25.87
CA LEU B 222 -0.79 11.95 24.90
C LEU B 222 -0.94 13.41 25.29
N PRO B 223 0.17 14.16 25.27
CA PRO B 223 0.15 15.61 25.52
C PRO B 223 -0.50 16.36 24.37
N THR B 224 -1.38 17.30 24.70
CA THR B 224 -2.13 18.05 23.68
C THR B 224 -1.94 19.58 23.71
N SER B 225 -1.54 20.13 24.86
CA SER B 225 -1.37 21.57 25.00
C SER B 225 -0.22 21.96 25.94
N LEU B 226 0.47 23.05 25.60
CA LEU B 226 1.63 23.53 26.37
C LEU B 226 1.58 25.03 26.66
N ALA B 227 1.90 25.41 27.90
CA ALA B 227 2.06 26.81 28.26
C ALA B 227 3.21 27.01 29.25
N TRP B 228 4.17 27.83 28.84
CA TRP B 228 5.26 28.28 29.71
C TRP B 228 4.72 29.17 30.82
N HIS B 229 5.40 29.20 31.96
CA HIS B 229 5.11 30.18 33.01
C HIS B 229 5.59 31.55 32.51
N PRO B 230 4.74 32.59 32.67
CA PRO B 230 5.08 33.91 32.12
C PRO B 230 6.24 34.61 32.83
N GLN B 231 6.64 34.09 34.00
CA GLN B 231 7.71 34.70 34.79
C GLN B 231 8.88 33.76 35.05
N GLN B 232 8.59 32.46 35.23
CA GLN B 232 9.64 31.47 35.41
C GLN B 232 9.88 30.70 34.12
N SER B 233 10.94 31.08 33.40
CA SER B 233 11.31 30.42 32.14
C SER B 233 11.79 28.98 32.34
N GLU B 234 11.46 28.41 33.50
CA GLU B 234 11.88 27.06 33.87
C GLU B 234 10.73 26.13 34.26
N VAL B 235 9.52 26.68 34.41
CA VAL B 235 8.33 25.84 34.65
C VAL B 235 7.27 26.04 33.56
N PHE B 236 6.55 24.95 33.27
CA PHE B 236 5.49 24.97 32.27
C PHE B 236 4.35 24.03 32.65
N VAL B 237 3.21 24.20 32.00
CA VAL B 237 2.07 23.29 32.16
C VAL B 237 1.74 22.58 30.85
N PHE B 238 1.34 21.32 30.97
CA PHE B 238 0.85 20.57 29.81
C PHE B 238 -0.49 19.89 30.09
N GLY B 239 -1.40 20.01 29.14
CA GLY B 239 -2.68 19.32 29.20
C GLY B 239 -2.61 18.06 28.36
N ASP B 240 -3.19 16.98 28.84
CA ASP B 240 -3.23 15.73 28.08
C ASP B 240 -4.60 15.49 27.45
N GLU B 241 -4.70 14.43 26.66
CA GLU B 241 -5.93 14.10 25.95
C GLU B 241 -7.02 13.52 26.86
N ASN B 242 -6.66 13.21 28.10
CA ASN B 242 -7.60 12.67 29.08
C ASN B 242 -8.19 13.75 30.00
N GLY B 243 -7.84 15.01 29.74
CA GLY B 243 -8.41 16.14 30.49
C GLY B 243 -7.66 16.57 31.73
N THR B 244 -6.48 15.99 31.94
CA THR B 244 -5.64 16.32 33.09
C THR B 244 -4.64 17.43 32.73
N VAL B 245 -4.49 18.39 33.64
CA VAL B 245 -3.50 19.45 33.50
C VAL B 245 -2.41 19.22 34.55
N SER B 246 -1.16 19.29 34.11
CA SER B 246 -0.01 19.03 34.97
C SER B 246 1.03 20.16 34.96
N LEU B 247 1.72 20.32 36.08
CA LEU B 247 2.77 21.32 36.25
C LEU B 247 4.14 20.63 36.25
N VAL B 248 5.03 21.09 35.38
CA VAL B 248 6.35 20.47 35.23
C VAL B 248 7.50 21.46 35.42
N ASP B 249 8.46 21.06 36.27
CA ASP B 249 9.70 21.79 36.45
C ASP B 249 10.78 21.17 35.57
N THR B 250 11.48 22.02 34.80
CA THR B 250 12.51 21.55 33.86
C THR B 250 13.78 21.07 34.55
N LYS B 251 14.21 21.79 35.59
CA LYS B 251 15.42 21.44 36.33
C LYS B 251 15.21 20.30 37.32
N SER B 252 13.96 19.83 37.43
CA SER B 252 13.60 18.72 38.31
C SER B 252 13.34 17.43 37.53
N THR B 253 12.74 17.57 36.34
CA THR B 253 12.32 16.43 35.50
C THR B 253 11.28 15.57 36.22
N SER B 254 10.75 16.10 37.33
CA SER B 254 9.70 15.46 38.10
C SER B 254 8.40 16.26 37.98
N CYS B 255 7.29 15.55 37.85
CA CYS B 255 5.97 16.20 37.76
C CYS B 255 5.49 16.63 39.14
N VAL B 256 5.41 17.95 39.32
CA VAL B 256 5.13 18.57 40.61
C VAL B 256 3.68 18.34 41.05
N LEU B 257 2.74 18.85 40.26
CA LEU B 257 1.32 18.81 40.62
C LEU B 257 0.44 18.53 39.40
N SER B 258 -0.65 17.80 39.63
CA SER B 258 -1.60 17.47 38.56
C SER B 258 -3.04 17.41 39.07
N SER B 259 -3.97 17.81 38.21
CA SER B 259 -5.39 17.80 38.54
C SER B 259 -6.23 17.40 37.32
N ALA B 260 -7.22 16.55 37.55
CA ALA B 260 -8.19 16.18 36.51
C ALA B 260 -9.19 17.33 36.34
N VAL B 261 -8.86 18.24 35.43
CA VAL B 261 -9.63 19.47 35.24
C VAL B 261 -10.84 19.25 34.35
N HIS B 262 -10.60 18.65 33.17
CA HIS B 262 -11.65 18.47 32.17
C HIS B 262 -12.06 17.01 31.97
N SER B 263 -13.26 16.81 31.43
CA SER B 263 -13.78 15.48 31.12
C SER B 263 -13.29 15.00 29.75
N GLN B 264 -12.75 15.92 28.96
CA GLN B 264 -12.19 15.59 27.64
C GLN B 264 -10.89 16.34 27.35
N CYS B 265 -10.28 16.02 26.21
CA CYS B 265 -9.03 16.60 25.73
C CYS B 265 -8.86 18.09 26.05
N VAL B 266 -7.70 18.44 26.61
CA VAL B 266 -7.34 19.83 26.88
C VAL B 266 -6.62 20.42 25.67
N THR B 267 -7.26 21.39 25.02
CA THR B 267 -6.77 21.91 23.73
C THR B 267 -5.95 23.20 23.83
N GLY B 268 -5.97 23.85 24.99
CA GLY B 268 -5.23 25.09 25.18
C GLY B 268 -5.06 25.53 26.62
N LEU B 269 -3.96 26.24 26.89
CA LEU B 269 -3.64 26.77 28.22
C LEU B 269 -3.04 28.16 28.10
N VAL B 270 -3.66 29.14 28.79
CA VAL B 270 -3.24 30.53 28.70
C VAL B 270 -3.20 31.21 30.08
N PHE B 271 -2.00 31.66 30.46
CA PHE B 271 -1.79 32.35 31.74
C PHE B 271 -2.26 33.80 31.71
N SER B 272 -2.80 34.26 32.85
CA SER B 272 -3.22 35.65 33.01
C SER B 272 -2.01 36.57 33.16
N PRO B 273 -2.16 37.86 32.76
CA PRO B 273 -1.04 38.81 32.87
C PRO B 273 -0.82 39.33 34.30
N HIS B 274 -1.49 38.70 35.27
CA HIS B 274 -1.38 39.03 36.69
C HIS B 274 0.03 38.84 37.24
N SER B 275 0.27 39.43 38.42
CA SER B 275 1.53 39.22 39.16
C SER B 275 1.67 37.74 39.50
N VAL B 276 0.78 37.25 40.34
CA VAL B 276 0.61 35.80 40.52
C VAL B 276 -0.45 35.33 39.52
N PRO B 277 -0.02 34.66 38.43
CA PRO B 277 -0.90 34.42 37.28
C PRO B 277 -1.91 33.28 37.51
N PHE B 278 -3.12 33.50 37.03
CA PHE B 278 -4.14 32.46 36.95
C PHE B 278 -3.98 31.74 35.62
N LEU B 279 -4.42 30.48 35.56
CA LEU B 279 -4.33 29.71 34.33
C LEU B 279 -5.69 29.42 33.71
N ALA B 280 -5.90 29.95 32.51
CA ALA B 280 -7.08 29.63 31.71
C ALA B 280 -6.86 28.29 31.01
N SER B 281 -7.88 27.44 31.06
CA SER B 281 -7.81 26.09 30.51
C SER B 281 -9.06 25.75 29.70
N LEU B 282 -8.86 25.48 28.41
CA LEU B 282 -9.97 25.19 27.49
C LEU B 282 -9.96 23.74 26.99
N SER B 283 -11.15 23.23 26.70
CA SER B 283 -11.32 21.80 26.38
C SER B 283 -12.39 21.52 25.33
N GLU B 284 -12.31 20.33 24.74
CA GLU B 284 -13.31 19.85 23.79
C GLU B 284 -14.62 19.45 24.49
N ASP B 285 -14.64 19.49 25.82
CA ASP B 285 -15.89 19.28 26.56
C ASP B 285 -16.72 20.58 26.66
N CYS B 286 -16.31 21.59 25.89
CA CYS B 286 -17.06 22.83 25.69
C CYS B 286 -17.12 23.72 26.93
N SER B 287 -16.11 23.60 27.79
CA SER B 287 -16.05 24.40 29.01
C SER B 287 -14.72 25.12 29.18
N LEU B 288 -14.76 26.23 29.92
CA LEU B 288 -13.58 26.98 30.31
C LEU B 288 -13.35 26.81 31.81
N ALA B 289 -12.09 26.73 32.20
CA ALA B 289 -11.71 26.69 33.61
C ALA B 289 -10.59 27.69 33.89
N VAL B 290 -10.64 28.32 35.06
CA VAL B 290 -9.56 29.18 35.54
C VAL B 290 -9.03 28.62 36.85
N LEU B 291 -7.73 28.32 36.87
CA LEU B 291 -7.09 27.69 38.01
C LEU B 291 -5.98 28.57 38.59
N ASP B 292 -5.71 28.41 39.88
CA ASP B 292 -4.62 29.15 40.53
C ASP B 292 -3.27 28.49 40.26
N SER B 293 -2.25 28.91 41.01
CA SER B 293 -0.90 28.36 40.86
C SER B 293 -0.78 26.91 41.36
N SER B 294 -1.70 26.50 42.23
CA SER B 294 -1.74 25.12 42.73
C SER B 294 -2.81 24.29 41.99
N LEU B 295 -3.31 24.84 40.88
CA LEU B 295 -4.27 24.17 39.98
C LEU B 295 -5.61 23.80 40.63
N SER B 296 -6.05 24.60 41.61
CA SER B 296 -7.38 24.45 42.18
C SER B 296 -8.38 25.30 41.39
N GLU B 297 -9.62 24.82 41.31
CA GLU B 297 -10.65 25.48 40.49
C GLU B 297 -11.18 26.76 41.14
N LEU B 298 -11.08 27.86 40.41
CA LEU B 298 -11.58 29.16 40.85
C LEU B 298 -12.87 29.54 40.11
N PHE B 299 -12.90 29.28 38.80
CA PHE B 299 -14.01 29.66 37.94
C PHE B 299 -14.24 28.61 36.85
N ARG B 300 -15.50 28.45 36.46
CA ARG B 300 -15.86 27.54 35.37
C ARG B 300 -17.01 28.10 34.54
N SER B 301 -16.87 28.05 33.22
CA SER B 301 -17.89 28.56 32.31
C SER B 301 -18.31 27.51 31.28
N GLN B 302 -19.60 27.21 31.25
CA GLN B 302 -20.17 26.32 30.26
C GLN B 302 -20.97 27.11 29.23
N ALA B 303 -20.57 28.37 29.05
CA ALA B 303 -21.26 29.32 28.17
C ALA B 303 -21.22 28.89 26.71
N HIS B 304 -20.27 28.02 26.37
CA HIS B 304 -20.17 27.51 25.01
C HIS B 304 -21.00 26.25 24.81
N ARG B 305 -21.48 26.08 23.58
CA ARG B 305 -22.26 24.90 23.20
C ARG B 305 -21.48 23.99 22.24
N ASP B 306 -20.28 24.44 21.86
CA ASP B 306 -19.38 23.68 21.01
C ASP B 306 -17.95 23.78 21.58
N PHE B 307 -16.98 23.18 20.88
CA PHE B 307 -15.58 23.19 21.34
C PHE B 307 -15.07 24.60 21.63
N VAL B 308 -14.41 24.76 22.78
CA VAL B 308 -13.73 26.02 23.12
C VAL B 308 -12.32 25.99 22.54
N ARG B 309 -11.99 26.97 21.71
CA ARG B 309 -10.79 26.92 20.87
C ARG B 309 -9.61 27.80 21.30
N ASP B 310 -9.91 28.94 21.93
CA ASP B 310 -8.87 29.86 22.36
C ASP B 310 -9.33 30.71 23.55
N ALA B 311 -8.37 31.23 24.30
CA ALA B 311 -8.65 32.17 25.38
C ALA B 311 -7.58 33.26 25.40
N THR B 312 -8.04 34.50 25.52
CA THR B 312 -7.13 35.65 25.61
C THR B 312 -7.55 36.62 26.72
N TRP B 313 -6.61 36.93 27.62
CA TRP B 313 -6.85 37.85 28.71
C TRP B 313 -6.76 39.29 28.23
N SER B 314 -7.68 40.12 28.69
CA SER B 314 -7.68 41.54 28.34
C SER B 314 -6.48 42.24 28.96
N PRO B 315 -5.74 43.02 28.15
CA PRO B 315 -4.58 43.77 28.63
C PRO B 315 -5.00 45.00 29.44
N LEU B 316 -6.19 45.51 29.15
CA LEU B 316 -6.73 46.70 29.82
C LEU B 316 -7.41 46.35 31.14
N ASN B 317 -8.24 45.31 31.11
CA ASN B 317 -8.85 44.78 32.33
C ASN B 317 -8.38 43.35 32.59
N HIS B 318 -7.65 43.17 33.67
CA HIS B 318 -6.97 41.90 33.95
C HIS B 318 -7.86 40.84 34.61
N SER B 319 -9.14 41.16 34.80
CA SER B 319 -10.12 40.18 35.24
C SER B 319 -11.11 39.83 34.12
N LEU B 320 -10.89 40.43 32.95
CA LEU B 320 -11.69 40.16 31.77
C LEU B 320 -10.99 39.17 30.85
N LEU B 321 -11.68 38.09 30.50
CA LEU B 321 -11.13 37.02 29.66
C LEU B 321 -12.07 36.68 28.51
N THR B 322 -11.54 36.65 27.29
CA THR B 322 -12.34 36.37 26.11
C THR B 322 -12.06 34.96 25.56
N THR B 323 -13.14 34.22 25.29
CA THR B 323 -13.04 32.90 24.68
C THR B 323 -13.83 32.82 23.37
N VAL B 324 -13.31 32.07 22.41
CA VAL B 324 -14.03 31.77 21.17
C VAL B 324 -14.26 30.27 21.01
N GLY B 325 -15.29 29.91 20.25
CA GLY B 325 -15.63 28.50 20.02
C GLY B 325 -16.11 28.20 18.61
N TRP B 326 -16.37 26.93 18.33
CA TRP B 326 -16.94 26.52 17.05
C TRP B 326 -18.43 26.82 16.96
N ASP B 327 -19.01 27.28 18.07
CA ASP B 327 -20.39 27.75 18.12
C ASP B 327 -20.52 29.19 17.62
N HIS B 328 -19.40 29.76 17.16
CA HIS B 328 -19.33 31.14 16.67
C HIS B 328 -19.61 32.18 17.77
N GLN B 329 -19.43 31.77 19.02
CA GLN B 329 -19.58 32.66 20.17
C GLN B 329 -18.26 33.29 20.61
N VAL B 330 -18.27 34.61 20.71
CA VAL B 330 -17.20 35.35 21.35
C VAL B 330 -17.72 35.74 22.73
N VAL B 331 -17.11 35.22 23.78
CA VAL B 331 -17.61 35.40 25.15
C VAL B 331 -16.59 36.11 26.04
N HIS B 332 -17.04 37.13 26.78
CA HIS B 332 -16.20 37.88 27.70
C HIS B 332 -16.56 37.53 29.14
N HIS B 333 -15.59 36.99 29.87
CA HIS B 333 -15.80 36.50 31.24
C HIS B 333 -15.25 37.47 32.28
N VAL B 334 -15.91 37.53 33.44
CA VAL B 334 -15.37 38.25 34.59
C VAL B 334 -14.89 37.26 35.66
N VAL B 335 -13.59 37.28 35.92
CA VAL B 335 -12.95 36.29 36.79
C VAL B 335 -12.66 36.86 38.18
N PRO B 336 -13.07 36.14 39.24
CA PRO B 336 -12.72 36.50 40.62
C PRO B 336 -11.23 36.28 40.90
N SFG C . 1.06 -32.78 -31.41
CA SFG C . 0.15 -31.66 -31.23
C SFG C . 0.92 -30.38 -31.07
O SFG C . 2.06 -30.39 -30.56
OXT SFG C . 0.37 -29.32 -31.46
CB SFG C . -0.75 -31.87 -30.01
CG SFG C . 0.01 -32.20 -28.73
CD SFG C . -0.93 -32.31 -27.54
NE SFG C . -0.34 -31.62 -26.41
C5' SFG C . -1.16 -33.78 -27.16
C4' SFG C . -2.09 -34.52 -28.12
O4' SFG C . -2.06 -35.92 -27.85
C3' SFG C . -3.54 -34.08 -27.98
O3' SFG C . -4.04 -33.82 -29.29
C2' SFG C . -4.24 -35.27 -27.35
O2' SFG C . -5.59 -35.38 -27.82
C1' SFG C . -3.38 -36.45 -27.77
N9 SFG C . -3.38 -37.59 -26.82
C8 SFG C . -3.29 -37.50 -25.48
N7 SFG C . -3.32 -38.74 -24.91
C5 SFG C . -3.41 -39.65 -25.91
C6 SFG C . -3.47 -41.12 -26.00
N6 SFG C . -3.44 -41.88 -24.88
N1 SFG C . -3.58 -41.67 -27.24
C2 SFG C . -3.60 -40.91 -28.35
N3 SFG C . -3.56 -39.56 -28.33
C4 SFG C . -3.45 -38.88 -27.16
CAL 4Z2 D . -1.49 -19.28 -24.57
CAM 4Z2 D . -0.95 -17.91 -24.95
CAN 4Z2 D . -0.22 -17.88 -23.61
CAK 4Z2 D . -1.21 -18.92 -23.12
NAJ 4Z2 D . -0.53 -20.05 -22.45
CAI 4Z2 D . -1.23 -20.94 -21.73
CAH 4Z2 D . -0.62 -22.11 -21.25
NAO 4Z2 D . -2.52 -20.69 -21.48
CAP 4Z2 D . -3.30 -21.59 -20.73
CAQ 4Z2 D . -2.73 -22.76 -20.26
CAG 4Z2 D . -1.38 -23.01 -20.51
CAE 4Z2 D . -0.81 -24.20 -20.04
OAF 4Z2 D . 0.34 -24.21 -19.57
NAD 4Z2 D . -1.58 -25.29 -20.16
CAC 4Z2 D . -1.15 -26.64 -19.79
CAB 4Z2 D . -1.02 -27.48 -21.07
OAA 4Z2 D . -0.40 -28.74 -20.78
CAR 4Z2 D . -0.20 -26.74 -22.14
NAS 4Z2 D . 0.03 -27.51 -23.37
CAT 4Z2 D . 0.82 -26.66 -24.28
CAU 4Z2 D . 1.11 -27.38 -25.58
CAV 4Z2 D . -0.08 -27.88 -26.13
CBB 4Z2 D . -0.10 -28.15 -27.50
CBA 4Z2 D . -1.27 -28.66 -28.09
CAZ 4Z2 D . -2.40 -28.89 -27.31
CAY 4Z2 D . -2.38 -28.62 -25.95
CAW 4Z2 D . -1.23 -28.12 -25.35
CAX 4Z2 D . -1.28 -27.86 -23.97
C1 GOL E . -8.55 4.90 -8.96
O1 GOL E . -8.81 3.65 -8.30
C2 GOL E . -8.97 4.77 -10.42
O2 GOL E . -10.37 5.04 -10.50
C3 GOL E . -8.16 5.76 -11.26
O3 GOL E . -8.92 6.24 -12.38
#